data_9IT6
#
_entry.id   9IT6
#
_cell.length_a   114.849
_cell.length_b   114.849
_cell.length_c   113.413
_cell.angle_alpha   90.00
_cell.angle_beta   90.00
_cell.angle_gamma   120.00
#
_symmetry.space_group_name_H-M   'P 65'
#
loop_
_entity.id
_entity.type
_entity.pdbx_description
1 polymer 'Bifunctional methylenetetrahydrofolate dehydrogenase/cyclohydrolase, mitochondrial'
2 non-polymer '(2~{S})-2-[[4-[[2,4-bis(azanyl)-6-oxidanylidene-1~{H}-pyrimidin-5-yl]carbamoylamino]-3-chloranyl-phenyl]carbonylamino]-4-(1~{H}-1,2,3,4-tetrazol-5-yl)butanoic acid'
3 non-polymer NICOTINAMIDE-ADENINE-DINUCLEOTIDE
4 non-polymer 'PHOSPHATE ION'
5 water water
#
_entity_poly.entity_id   1
_entity_poly.type   'polypeptide(L)'
_entity_poly.pdbx_seq_one_letter_code
;GSHMEAVVISGRKLAQQIKQEVRQEVEEWVASGNKRPHLSVILVGENPASHSYVLNKTRAAAVVGINSETIMKPASISEE
ELLNLINKLNNDDNVDGLLVQLPLPEHIDERRICNAVSPDKDVDGFHVINVGRMCLDQYSMLPATPWGVWEIIKRTGIPT
LGKNVVVAGRSKNVGMPIAMLLHTDGAHERPGGDATVTISHRYTPKEQLKKHTILADIVISAAGIPNLITADMIKEGAAV
IDVGINRVHDPVTAKPKLVGDVDFEGVRQKAGYITPVPGGVGPMTVAMLMKNTIIAAKKVLRLEEREVLKSKELGVATN
;
_entity_poly.pdbx_strand_id   A,B
#
loop_
_chem_comp.id
_chem_comp.type
_chem_comp.name
_chem_comp.formula
A1L24 non-polymer '(2~{S})-2-[[4-[[2,4-bis(azanyl)-6-oxidanylidene-1~{H}-pyrimidin-5-yl]carbamoylamino]-3-chloranyl-phenyl]carbonylamino]-4-(1~{H}-1,2,3,4-tetrazol-5-yl)butanoic acid' 'C17 H18 Cl N11 O5'
NAD non-polymer NICOTINAMIDE-ADENINE-DINUCLEOTIDE 'C21 H27 N7 O14 P2'
PO4 non-polymer 'PHOSPHATE ION' 'O4 P -3'
#
# COMPACT_ATOMS: atom_id res chain seq x y z
N GLU A 5 -26.43 17.81 16.89
CA GLU A 5 -26.18 18.07 15.46
C GLU A 5 -24.69 18.16 15.14
N ALA A 6 -24.32 17.78 13.93
CA ALA A 6 -22.91 17.63 13.56
C ALA A 6 -22.22 18.98 13.35
N VAL A 7 -21.01 19.10 13.88
CA VAL A 7 -20.10 20.17 13.46
C VAL A 7 -19.82 20.00 11.97
N VAL A 8 -20.10 21.04 11.19
CA VAL A 8 -19.73 21.05 9.78
C VAL A 8 -18.34 21.66 9.66
N ILE A 9 -17.41 20.88 9.11
CA ILE A 9 -16.01 21.30 8.99
C ILE A 9 -15.87 22.04 7.67
N SER A 10 -15.42 23.29 7.72
CA SER A 10 -15.25 24.05 6.49
C SER A 10 -13.87 23.72 5.92
N GLY A 11 -13.83 22.86 4.91
CA GLY A 11 -12.58 22.63 4.20
C GLY A 11 -12.08 23.91 3.56
N ARG A 12 -12.99 24.74 3.06
CA ARG A 12 -12.61 26.01 2.46
C ARG A 12 -11.84 26.87 3.46
N LYS A 13 -12.37 27.00 4.67
CA LYS A 13 -11.73 27.85 5.67
C LYS A 13 -10.38 27.29 6.12
N LEU A 14 -10.30 25.97 6.34
CA LEU A 14 -9.02 25.36 6.71
C LEU A 14 -7.99 25.54 5.61
N ALA A 15 -8.39 25.29 4.36
CA ALA A 15 -7.48 25.44 3.24
C ALA A 15 -6.95 26.87 3.15
N GLN A 16 -7.82 27.85 3.33
CA GLN A 16 -7.39 29.25 3.26
C GLN A 16 -6.37 29.57 4.36
N GLN A 17 -6.57 29.03 5.56
CA GLN A 17 -5.55 29.18 6.60
C GLN A 17 -4.23 28.57 6.15
N ILE A 18 -4.27 27.33 5.63
CA ILE A 18 -3.05 26.66 5.20
C ILE A 18 -2.35 27.45 4.11
N LYS A 19 -3.12 28.02 3.19
CA LYS A 19 -2.50 28.79 2.11
C LYS A 19 -1.79 30.03 2.66
N GLN A 20 -2.35 30.62 3.71
CA GLN A 20 -1.64 31.75 4.34
C GLN A 20 -0.32 31.29 4.92
N GLU A 21 -0.31 30.11 5.56
CA GLU A 21 0.95 29.55 6.06
C GLU A 21 1.95 29.32 4.94
N VAL A 22 1.50 28.83 3.79
CA VAL A 22 2.41 28.64 2.66
C VAL A 22 2.89 29.99 2.13
N ARG A 23 1.99 30.96 2.00
CA ARG A 23 2.40 32.28 1.53
C ARG A 23 3.57 32.82 2.36
N GLN A 24 3.47 32.70 3.69
CA GLN A 24 4.54 33.17 4.57
C GLN A 24 5.83 32.40 4.33
N GLU A 25 5.72 31.08 4.16
CA GLU A 25 6.92 30.28 3.91
C GLU A 25 7.56 30.65 2.58
N VAL A 26 6.73 30.85 1.55
CA VAL A 26 7.25 31.25 0.25
C VAL A 26 7.91 32.63 0.32
N GLU A 27 7.26 33.59 1.00
CA GLU A 27 7.82 34.95 1.05
C GLU A 27 9.17 34.98 1.76
N GLU A 28 9.34 34.16 2.81
CA GLU A 28 10.62 34.12 3.50
C GLU A 28 11.67 33.36 2.71
N TRP A 29 11.24 32.36 1.93
CA TRP A 29 12.15 31.67 1.01
C TRP A 29 12.69 32.63 -0.04
N VAL A 30 11.83 33.49 -0.58
CA VAL A 30 12.26 34.48 -1.57
C VAL A 30 13.10 35.56 -0.91
N ALA A 31 12.63 36.08 0.22
CA ALA A 31 13.38 37.12 0.93
C ALA A 31 14.76 36.62 1.37
N SER A 32 14.97 35.31 1.47
CA SER A 32 16.28 34.76 1.78
C SER A 32 17.18 34.65 0.57
N GLY A 33 16.74 35.15 -0.59
CA GLY A 33 17.54 35.13 -1.79
C GLY A 33 17.32 33.95 -2.72
N ASN A 34 16.25 33.18 -2.54
CA ASN A 34 15.97 32.03 -3.38
C ASN A 34 14.97 32.41 -4.46
N LYS A 35 15.02 31.70 -5.59
CA LYS A 35 14.09 31.99 -6.67
C LYS A 35 12.66 31.68 -6.24
N ARG A 36 11.73 32.48 -6.73
CA ARG A 36 10.33 32.24 -6.40
C ARG A 36 9.90 30.89 -6.98
N PRO A 37 9.11 30.10 -6.24
CA PRO A 37 8.70 28.79 -6.76
C PRO A 37 7.82 28.93 -8.00
N HIS A 38 7.89 27.91 -8.87
CA HIS A 38 7.08 27.87 -10.08
C HIS A 38 6.48 26.48 -10.23
N LEU A 39 5.16 26.42 -10.41
CA LEU A 39 4.42 25.19 -10.65
C LEU A 39 3.96 25.12 -12.09
N SER A 40 4.27 24.02 -12.77
CA SER A 40 3.71 23.77 -14.11
C SER A 40 2.67 22.67 -14.02
N VAL A 41 1.49 22.92 -14.59
CA VAL A 41 0.40 21.96 -14.68
C VAL A 41 0.13 21.67 -16.16
N ILE A 42 0.12 20.39 -16.52
CA ILE A 42 -0.21 19.96 -17.87
C ILE A 42 -1.65 19.47 -17.85
N LEU A 43 -2.48 20.04 -18.71
CA LEU A 43 -3.88 19.66 -18.80
C LEU A 43 -4.13 19.12 -20.21
N VAL A 44 -4.65 17.90 -20.31
CA VAL A 44 -4.88 17.25 -21.60
C VAL A 44 -6.38 17.11 -21.81
N GLY A 45 -6.88 17.60 -22.94
CA GLY A 45 -8.28 17.39 -23.28
C GLY A 45 -9.22 18.43 -22.67
N GLU A 46 -10.49 18.07 -22.62
CA GLU A 46 -11.53 19.04 -22.27
C GLU A 46 -12.43 18.56 -21.14
N ASN A 47 -11.92 17.75 -20.22
CA ASN A 47 -12.75 17.34 -19.10
C ASN A 47 -13.10 18.59 -18.29
N PRO A 48 -14.38 18.96 -18.18
CA PRO A 48 -14.70 20.22 -17.49
C PRO A 48 -14.33 20.22 -16.02
N ALA A 49 -14.50 19.09 -15.34
CA ALA A 49 -14.06 18.99 -13.96
C ALA A 49 -12.57 19.23 -13.85
N SER A 50 -11.78 18.62 -14.75
CA SER A 50 -10.33 18.84 -14.73
C SER A 50 -9.98 20.30 -14.95
N HIS A 51 -10.67 20.95 -15.88
CA HIS A 51 -10.36 22.36 -16.14
C HIS A 51 -10.67 23.22 -14.92
N SER A 52 -11.80 22.94 -14.26
CA SER A 52 -12.16 23.69 -13.07
C SER A 52 -11.13 23.48 -11.94
N TYR A 53 -10.74 22.22 -11.71
CA TYR A 53 -9.84 21.93 -10.59
C TYR A 53 -8.45 22.52 -10.83
N VAL A 54 -7.97 22.47 -12.07
CA VAL A 54 -6.68 23.07 -12.37
C VAL A 54 -6.74 24.57 -12.18
N LEU A 55 -7.87 25.20 -12.55
CA LEU A 55 -7.99 26.64 -12.34
C LEU A 55 -7.90 26.97 -10.85
N ASN A 56 -8.57 26.17 -10.01
CA ASN A 56 -8.45 26.36 -8.56
C ASN A 56 -7.01 26.20 -8.08
N LYS A 57 -6.24 25.30 -8.71
CA LYS A 57 -4.83 25.14 -8.34
C LYS A 57 -4.01 26.35 -8.73
N THR A 58 -4.22 26.88 -9.94
CA THR A 58 -3.45 28.05 -10.37
C THR A 58 -3.89 29.32 -9.65
N ARG A 59 -5.18 29.43 -9.29
CA ARG A 59 -5.63 30.51 -8.42
C ARG A 59 -4.91 30.46 -7.09
N ALA A 60 -4.84 29.27 -6.47
CA ALA A 60 -4.21 29.15 -5.16
C ALA A 60 -2.72 29.43 -5.26
N ALA A 61 -2.09 29.03 -6.37
CA ALA A 61 -0.70 29.38 -6.58
C ALA A 61 -0.51 30.90 -6.49
N ALA A 62 -1.33 31.66 -7.21
CA ALA A 62 -1.19 33.11 -7.16
C ALA A 62 -1.37 33.65 -5.74
N VAL A 63 -2.35 33.11 -5.01
CA VAL A 63 -2.58 33.48 -3.63
C VAL A 63 -1.32 33.32 -2.77
N VAL A 64 -0.58 32.22 -2.92
CA VAL A 64 0.54 31.95 -2.01
C VAL A 64 1.86 32.43 -2.58
N GLY A 65 1.83 33.19 -3.68
CA GLY A 65 3.06 33.73 -4.22
C GLY A 65 3.91 32.78 -5.02
N ILE A 66 3.31 31.71 -5.56
CA ILE A 66 4.02 30.76 -6.42
C ILE A 66 3.66 31.08 -7.87
N ASN A 67 4.67 31.21 -8.72
CA ASN A 67 4.38 31.41 -10.12
C ASN A 67 3.83 30.11 -10.70
N SER A 68 3.01 30.21 -11.74
CA SER A 68 2.47 29.01 -12.35
C SER A 68 2.17 29.23 -13.82
N GLU A 69 1.95 28.11 -14.50
CA GLU A 69 1.42 28.09 -15.86
C GLU A 69 0.62 26.82 -16.01
N THR A 70 -0.47 26.88 -16.75
CA THR A 70 -1.16 25.69 -17.20
C THR A 70 -0.83 25.51 -18.67
N ILE A 71 -0.44 24.30 -19.05
CA ILE A 71 -0.16 24.00 -20.44
C ILE A 71 -1.24 23.02 -20.89
N MET A 72 -2.17 23.52 -21.70
CA MET A 72 -3.28 22.72 -22.18
C MET A 72 -2.93 22.11 -23.53
N LYS A 73 -3.24 20.84 -23.70
CA LYS A 73 -2.98 20.09 -24.92
C LYS A 73 -4.25 19.36 -25.33
N PRO A 74 -4.45 19.10 -26.62
CA PRO A 74 -5.64 18.34 -27.04
C PRO A 74 -5.52 16.88 -26.63
N ALA A 75 -6.67 16.24 -26.46
CA ALA A 75 -6.73 14.83 -26.10
C ALA A 75 -6.05 13.93 -27.13
N SER A 76 -5.87 14.42 -28.35
CA SER A 76 -5.30 13.58 -29.40
C SER A 76 -3.77 13.56 -29.36
N ILE A 77 -3.16 14.28 -28.42
CA ILE A 77 -1.72 14.19 -28.23
C ILE A 77 -1.33 12.72 -28.04
N SER A 78 -0.17 12.34 -28.57
CA SER A 78 0.34 11.00 -28.32
C SER A 78 1.10 10.95 -27.00
N GLU A 79 1.24 9.73 -26.49
CA GLU A 79 2.00 9.54 -25.26
C GLU A 79 3.44 10.02 -25.43
N GLU A 80 4.07 9.73 -26.57
CA GLU A 80 5.43 10.21 -26.76
C GLU A 80 5.50 11.73 -26.75
N GLU A 81 4.49 12.40 -27.33
CA GLU A 81 4.50 13.86 -27.32
C GLU A 81 4.37 14.41 -25.91
N LEU A 82 3.53 13.80 -25.07
CA LEU A 82 3.40 14.20 -23.68
C LEU A 82 4.69 13.95 -22.93
N LEU A 83 5.32 12.80 -23.19
CA LEU A 83 6.62 12.50 -22.59
C LEU A 83 7.67 13.54 -22.97
N ASN A 84 7.65 14.01 -24.22
CA ASN A 84 8.62 15.03 -24.62
C ASN A 84 8.42 16.33 -23.86
N LEU A 85 7.18 16.77 -23.70
CA LEU A 85 6.93 18.00 -22.95
C LEU A 85 7.36 17.85 -21.50
N ILE A 86 7.10 16.68 -20.91
CA ILE A 86 7.49 16.44 -19.53
C ILE A 86 9.00 16.48 -19.38
N ASN A 87 9.72 15.84 -20.32
CA ASN A 87 11.17 15.89 -20.29
C ASN A 87 11.68 17.32 -20.44
N LYS A 88 11.00 18.13 -21.27
CA LYS A 88 11.38 19.53 -21.39
C LYS A 88 11.27 20.24 -20.05
N LEU A 89 10.13 20.04 -19.36
CA LEU A 89 9.92 20.70 -18.08
C LEU A 89 10.80 20.11 -16.98
N ASN A 90 11.12 18.81 -17.06
CA ASN A 90 12.06 18.22 -16.10
C ASN A 90 13.41 18.94 -16.15
N ASN A 91 13.83 19.35 -17.34
CA ASN A 91 15.14 19.97 -17.54
C ASN A 91 15.11 21.49 -17.45
N ASP A 92 13.96 22.08 -17.15
CA ASP A 92 13.83 23.53 -16.97
C ASP A 92 14.01 23.84 -15.49
N ASP A 93 15.16 24.43 -15.14
CA ASP A 93 15.45 24.70 -13.74
C ASP A 93 14.51 25.73 -13.12
N ASN A 94 13.78 26.48 -13.94
CA ASN A 94 12.79 27.39 -13.38
C ASN A 94 11.57 26.65 -12.86
N VAL A 95 11.30 25.43 -13.32
CA VAL A 95 10.14 24.66 -12.90
C VAL A 95 10.49 23.88 -11.64
N ASP A 96 9.82 24.18 -10.54
CA ASP A 96 10.04 23.45 -9.31
C ASP A 96 9.05 22.30 -9.16
N GLY A 97 7.80 22.52 -9.54
CA GLY A 97 6.76 21.53 -9.42
C GLY A 97 6.11 21.25 -10.76
N LEU A 98 5.84 19.98 -11.02
CA LEU A 98 5.26 19.62 -12.30
C LEU A 98 4.23 18.52 -12.06
N LEU A 99 3.01 18.73 -12.54
CA LEU A 99 2.00 17.70 -12.41
C LEU A 99 1.19 17.60 -13.70
N VAL A 100 0.69 16.41 -13.97
CA VAL A 100 -0.15 16.15 -15.13
C VAL A 100 -1.53 15.83 -14.60
N GLN A 101 -2.49 16.71 -14.83
CA GLN A 101 -3.83 16.48 -14.31
C GLN A 101 -4.42 15.21 -14.90
N LEU A 102 -4.99 14.36 -14.03
CA LEU A 102 -5.66 13.12 -14.36
C LEU A 102 -7.18 13.32 -14.35
N PRO A 103 -7.95 12.51 -15.11
CA PRO A 103 -7.53 11.40 -15.97
C PRO A 103 -7.00 11.83 -17.33
N LEU A 104 -6.19 10.99 -17.93
CA LEU A 104 -5.63 11.14 -19.25
C LEU A 104 -6.39 10.26 -20.24
N PRO A 105 -6.30 10.55 -21.54
CA PRO A 105 -7.01 9.70 -22.53
C PRO A 105 -6.54 8.26 -22.47
N GLU A 106 -7.37 7.35 -23.01
CA GLU A 106 -7.09 5.91 -22.92
C GLU A 106 -5.76 5.55 -23.59
N HIS A 107 -5.38 6.26 -24.64
CA HIS A 107 -4.15 5.88 -25.34
C HIS A 107 -2.89 6.34 -24.64
N ILE A 108 -3.00 7.02 -23.50
CA ILE A 108 -1.84 7.46 -22.74
C ILE A 108 -1.81 6.69 -21.41
N ASP A 109 -0.67 6.09 -21.10
CA ASP A 109 -0.55 5.29 -19.88
C ASP A 109 -0.20 6.22 -18.72
N GLU A 110 -1.14 6.39 -17.76
CA GLU A 110 -0.95 7.35 -16.67
C GLU A 110 0.26 7.00 -15.82
N ARG A 111 0.48 5.71 -15.59
CA ARG A 111 1.61 5.30 -14.76
C ARG A 111 2.94 5.64 -15.42
N ARG A 112 3.06 5.40 -16.73
CA ARG A 112 4.26 5.84 -17.43
C ARG A 112 4.41 7.36 -17.37
N ILE A 113 3.30 8.11 -17.51
CA ILE A 113 3.37 9.57 -17.43
C ILE A 113 3.80 10.00 -16.02
N CYS A 114 3.17 9.41 -14.99
CA CYS A 114 3.47 9.79 -13.61
C CYS A 114 4.91 9.48 -13.25
N ASN A 115 5.44 8.34 -13.75
CA ASN A 115 6.83 7.97 -13.50
C ASN A 115 7.82 8.76 -14.34
N ALA A 116 7.37 9.49 -15.35
CA ALA A 116 8.29 10.31 -16.12
C ALA A 116 8.55 11.67 -15.49
N VAL A 117 7.67 12.13 -14.60
CA VAL A 117 7.95 13.36 -13.86
C VAL A 117 9.15 13.14 -12.96
N SER A 118 10.14 14.03 -13.05
CA SER A 118 11.31 13.89 -12.20
C SER A 118 10.89 13.82 -10.74
N PRO A 119 11.40 12.85 -9.96
CA PRO A 119 10.89 12.67 -8.59
C PRO A 119 10.97 13.93 -7.75
N ASP A 120 12.00 14.76 -7.97
CA ASP A 120 12.14 15.98 -7.19
C ASP A 120 11.02 16.97 -7.45
N LYS A 121 10.41 16.93 -8.64
CA LYS A 121 9.35 17.85 -9.02
C LYS A 121 7.97 17.23 -8.86
N ASP A 122 7.87 15.99 -8.38
CA ASP A 122 6.63 15.25 -8.31
C ASP A 122 5.77 15.75 -7.15
N VAL A 123 5.12 16.90 -7.37
CA VAL A 123 4.30 17.49 -6.32
C VAL A 123 3.01 16.70 -6.09
N ASP A 124 2.63 15.82 -7.02
CA ASP A 124 1.51 14.89 -6.82
C ASP A 124 1.88 13.73 -5.90
N GLY A 125 3.15 13.39 -5.76
CA GLY A 125 3.46 12.16 -5.06
C GLY A 125 3.06 10.91 -5.82
N PHE A 126 2.95 11.00 -7.15
CA PHE A 126 2.47 9.85 -7.93
C PHE A 126 3.59 8.98 -8.49
N HIS A 127 4.83 9.47 -8.49
CA HIS A 127 5.95 8.67 -8.96
C HIS A 127 6.08 7.40 -8.13
N VAL A 128 6.39 6.28 -8.80
CA VAL A 128 6.45 4.99 -8.10
C VAL A 128 7.39 5.03 -6.88
N ILE A 129 8.48 5.81 -6.96
CA ILE A 129 9.36 5.95 -5.79
C ILE A 129 8.64 6.63 -4.63
N ASN A 130 7.84 7.67 -4.92
CA ASN A 130 7.08 8.29 -3.86
C ASN A 130 6.01 7.35 -3.32
N VAL A 131 5.37 6.58 -4.20
CA VAL A 131 4.36 5.62 -3.74
C VAL A 131 5.01 4.57 -2.87
N GLY A 132 6.13 4.01 -3.31
CA GLY A 132 6.80 2.99 -2.51
C GLY A 132 7.25 3.52 -1.16
N ARG A 133 7.86 4.71 -1.17
CA ARG A 133 8.31 5.29 0.09
C ARG A 133 7.13 5.54 1.03
N MET A 134 6.01 6.04 0.49
CA MET A 134 4.83 6.24 1.31
C MET A 134 4.31 4.92 1.88
N CYS A 135 4.31 3.86 1.06
CA CYS A 135 3.81 2.57 1.53
C CYS A 135 4.74 1.92 2.55
N LEU A 136 5.98 2.39 2.66
CA LEU A 136 6.93 1.96 3.69
C LEU A 136 7.04 2.94 4.85
N ASP A 137 6.11 3.91 4.97
CA ASP A 137 6.13 4.94 6.01
C ASP A 137 7.47 5.68 6.07
N GLN A 138 8.10 5.88 4.92
CA GLN A 138 9.27 6.75 4.84
C GLN A 138 8.86 8.16 4.44
N TYR A 139 9.77 9.12 4.66
CA TYR A 139 9.56 10.47 4.15
C TYR A 139 9.26 10.41 2.66
N SER A 140 8.23 11.13 2.23
CA SER A 140 7.85 11.10 0.83
C SER A 140 7.04 12.34 0.53
N MET A 141 6.83 12.60 -0.76
CA MET A 141 5.86 13.61 -1.17
C MET A 141 4.47 12.96 -1.13
N LEU A 142 3.64 13.38 -0.18
CA LEU A 142 2.31 12.79 0.00
C LEU A 142 1.32 13.34 -1.02
N PRO A 143 0.47 12.49 -1.60
CA PRO A 143 -0.52 13.00 -2.56
C PRO A 143 -1.49 13.96 -1.89
N ALA A 144 -1.92 14.96 -2.67
CA ALA A 144 -2.59 16.13 -2.08
C ALA A 144 -3.92 15.76 -1.44
N THR A 145 -4.77 15.01 -2.16
CA THR A 145 -6.08 14.72 -1.60
C THR A 145 -5.99 13.86 -0.33
N PRO A 146 -5.26 12.74 -0.30
CA PRO A 146 -5.10 12.01 0.97
C PRO A 146 -4.51 12.87 2.09
N TRP A 147 -3.50 13.66 1.77
CA TRP A 147 -2.90 14.51 2.81
C TRP A 147 -3.90 15.55 3.30
N GLY A 148 -4.74 16.08 2.40
CA GLY A 148 -5.81 16.96 2.84
C GLY A 148 -6.81 16.29 3.76
N VAL A 149 -7.18 15.05 3.47
CA VAL A 149 -8.08 14.30 4.37
C VAL A 149 -7.44 14.14 5.74
N TRP A 150 -6.17 13.77 5.77
CA TRP A 150 -5.44 13.64 7.02
C TRP A 150 -5.42 14.95 7.80
N GLU A 151 -5.17 16.08 7.10
CA GLU A 151 -5.09 17.39 7.75
C GLU A 151 -6.43 17.81 8.33
N ILE A 152 -7.52 17.52 7.63
CA ILE A 152 -8.86 17.80 8.16
C ILE A 152 -9.03 17.11 9.50
N ILE A 153 -8.63 15.84 9.57
CA ILE A 153 -8.73 15.08 10.81
C ILE A 153 -7.81 15.64 11.87
N LYS A 154 -6.54 15.86 11.52
CA LYS A 154 -5.57 16.29 12.52
C LYS A 154 -5.87 17.70 13.02
N ARG A 155 -6.09 18.65 12.10
CA ARG A 155 -6.33 20.02 12.53
C ARG A 155 -7.65 20.17 13.28
N THR A 156 -8.59 19.27 13.07
CA THR A 156 -9.83 19.29 13.85
C THR A 156 -9.68 18.58 15.19
N GLY A 157 -8.58 17.85 15.41
CA GLY A 157 -8.41 17.18 16.67
C GLY A 157 -9.19 15.89 16.84
N ILE A 158 -9.67 15.30 15.74
CA ILE A 158 -10.37 14.02 15.78
C ILE A 158 -9.34 12.92 15.99
N PRO A 159 -9.44 12.12 17.06
CA PRO A 159 -8.41 11.10 17.30
C PRO A 159 -8.55 9.89 16.39
N THR A 160 -7.41 9.27 16.13
CA THR A 160 -7.36 8.12 15.25
C THR A 160 -6.74 6.87 15.88
N LEU A 161 -5.85 7.02 16.86
CA LEU A 161 -5.15 5.86 17.39
C LEU A 161 -6.13 4.93 18.09
N GLY A 162 -6.11 3.65 17.70
CA GLY A 162 -7.03 2.67 18.23
C GLY A 162 -8.46 2.81 17.78
N LYS A 163 -8.75 3.73 16.86
CA LYS A 163 -10.12 3.97 16.44
C LYS A 163 -10.42 3.14 15.20
N ASN A 164 -11.73 2.95 14.93
CA ASN A 164 -12.18 2.23 13.75
C ASN A 164 -12.44 3.23 12.64
N VAL A 165 -11.89 2.96 11.46
CA VAL A 165 -12.05 3.82 10.29
C VAL A 165 -12.46 2.96 9.12
N VAL A 166 -13.43 3.43 8.35
CA VAL A 166 -13.83 2.78 7.10
C VAL A 166 -13.55 3.75 5.96
N VAL A 167 -12.84 3.26 4.95
CA VAL A 167 -12.64 3.98 3.69
C VAL A 167 -13.46 3.27 2.62
N ALA A 168 -14.35 4.00 1.97
CA ALA A 168 -15.06 3.49 0.80
C ALA A 168 -14.35 4.00 -0.44
N GLY A 169 -13.70 3.11 -1.17
CA GLY A 169 -12.83 3.49 -2.25
C GLY A 169 -11.44 2.93 -2.05
N ARG A 170 -10.81 2.51 -3.15
CA ARG A 170 -9.48 1.89 -3.09
C ARG A 170 -8.63 2.38 -4.24
N SER A 171 -9.00 3.50 -4.85
CA SER A 171 -8.24 4.02 -5.97
C SER A 171 -6.82 4.34 -5.52
N LYS A 172 -5.88 4.17 -6.46
CA LYS A 172 -4.47 4.30 -6.12
C LYS A 172 -4.10 5.72 -5.72
N ASN A 173 -4.80 6.73 -6.24
CA ASN A 173 -4.45 8.12 -5.93
C ASN A 173 -5.21 8.70 -4.74
N VAL A 174 -6.33 8.09 -4.33
CA VAL A 174 -7.13 8.64 -3.25
C VAL A 174 -7.37 7.64 -2.13
N GLY A 175 -8.14 6.60 -2.41
CA GLY A 175 -8.57 5.70 -1.34
C GLY A 175 -7.44 4.89 -0.73
N MET A 176 -6.54 4.35 -1.55
CA MET A 176 -5.43 3.56 -1.01
C MET A 176 -4.48 4.40 -0.16
N PRO A 177 -4.01 5.57 -0.61
CA PRO A 177 -3.18 6.39 0.30
C PRO A 177 -3.88 6.79 1.59
N ILE A 178 -5.19 7.04 1.55
CA ILE A 178 -5.88 7.43 2.77
C ILE A 178 -5.86 6.29 3.78
N ALA A 179 -6.14 5.06 3.32
CA ALA A 179 -6.06 3.89 4.18
C ALA A 179 -4.64 3.66 4.69
N MET A 180 -3.64 3.86 3.84
CA MET A 180 -2.25 3.70 4.26
C MET A 180 -1.89 4.70 5.36
N LEU A 181 -2.19 5.98 5.16
CA LEU A 181 -1.87 6.98 6.18
C LEU A 181 -2.58 6.68 7.50
N LEU A 182 -3.85 6.32 7.44
CA LEU A 182 -4.60 6.24 8.69
C LEU A 182 -4.25 4.99 9.51
N HIS A 183 -3.77 3.91 8.89
CA HIS A 183 -3.57 2.68 9.67
C HIS A 183 -2.14 2.49 10.16
N THR A 184 -1.20 3.31 9.71
CA THR A 184 0.20 3.02 9.91
C THR A 184 0.75 3.66 11.20
N ASP A 185 1.97 3.28 11.53
CA ASP A 185 2.51 3.52 12.87
C ASP A 185 2.85 5.00 13.06
N GLY A 186 2.31 5.60 14.12
CA GLY A 186 2.67 6.96 14.47
C GLY A 186 4.14 7.15 14.80
N ALA A 187 4.86 6.07 15.06
CA ALA A 187 6.26 6.13 15.44
C ALA A 187 7.22 6.01 14.26
N HIS A 188 6.71 5.83 13.04
CA HIS A 188 7.61 5.69 11.90
C HIS A 188 8.01 7.06 11.37
N GLU A 189 8.97 7.04 10.43
CA GLU A 189 9.50 8.24 9.79
C GLU A 189 8.40 9.21 9.39
N ARG A 190 7.48 8.76 8.53
CA ARG A 190 6.27 9.49 8.24
C ARG A 190 5.19 8.89 9.12
N PRO A 191 4.75 9.57 10.17
CA PRO A 191 3.77 8.98 11.09
C PRO A 191 2.47 8.66 10.38
N GLY A 192 1.83 7.58 10.82
CA GLY A 192 0.46 7.27 10.44
C GLY A 192 -0.50 7.51 11.58
N GLY A 193 -1.77 7.12 11.34
CA GLY A 193 -2.83 7.39 12.28
C GLY A 193 -3.10 6.31 13.32
N ASP A 194 -2.53 5.11 13.15
CA ASP A 194 -2.68 4.00 14.10
C ASP A 194 -4.14 3.59 14.26
N ALA A 195 -4.95 3.79 13.23
CA ALA A 195 -6.34 3.35 13.25
C ALA A 195 -6.49 1.93 12.69
N THR A 196 -7.58 1.29 13.08
CA THR A 196 -8.03 0.03 12.49
C THR A 196 -8.89 0.39 11.29
N VAL A 197 -8.41 0.07 10.10
CA VAL A 197 -8.95 0.62 8.87
C VAL A 197 -9.57 -0.50 8.05
N THR A 198 -10.83 -0.32 7.68
CA THR A 198 -11.52 -1.22 6.75
C THR A 198 -11.55 -0.57 5.38
N ILE A 199 -11.03 -1.29 4.39
CA ILE A 199 -11.07 -0.85 2.99
C ILE A 199 -12.25 -1.54 2.32
N SER A 200 -13.21 -0.75 1.82
CA SER A 200 -14.32 -1.27 1.02
C SER A 200 -14.26 -0.69 -0.39
N HIS A 201 -15.01 -1.30 -1.30
CA HIS A 201 -14.86 -0.95 -2.71
C HIS A 201 -16.11 -1.39 -3.46
N ARG A 202 -16.04 -1.35 -4.80
CA ARG A 202 -17.19 -1.64 -5.64
C ARG A 202 -17.75 -3.05 -5.46
N TYR A 203 -16.97 -3.99 -4.91
CA TYR A 203 -17.47 -5.35 -4.70
C TYR A 203 -17.88 -5.62 -3.27
N THR A 204 -17.78 -4.62 -2.40
CA THR A 204 -18.31 -4.74 -1.04
C THR A 204 -19.83 -4.65 -1.11
N PRO A 205 -20.57 -5.66 -0.66
CA PRO A 205 -22.04 -5.55 -0.69
C PRO A 205 -22.51 -4.46 0.26
N LYS A 206 -23.56 -3.74 -0.17
CA LYS A 206 -24.08 -2.62 0.61
C LYS A 206 -24.33 -3.03 2.06
N GLU A 207 -24.82 -4.25 2.28
CA GLU A 207 -25.08 -4.73 3.62
C GLU A 207 -23.80 -4.84 4.44
N GLN A 208 -22.71 -5.30 3.81
CA GLN A 208 -21.46 -5.48 4.53
C GLN A 208 -20.78 -4.14 4.80
N LEU A 209 -20.87 -3.20 3.86
CA LEU A 209 -20.38 -1.84 4.12
C LEU A 209 -21.02 -1.27 5.38
N LYS A 210 -22.35 -1.33 5.46
CA LYS A 210 -23.08 -0.83 6.63
C LYS A 210 -22.62 -1.53 7.91
N LYS A 211 -22.35 -2.83 7.85
CA LYS A 211 -21.95 -3.57 9.05
C LYS A 211 -20.56 -3.16 9.52
N HIS A 212 -19.75 -2.53 8.67
CA HIS A 212 -18.48 -2.00 9.11
C HIS A 212 -18.56 -0.53 9.51
N THR A 213 -19.24 0.31 8.71
CA THR A 213 -19.36 1.73 9.04
C THR A 213 -20.03 1.93 10.39
N ILE A 214 -20.99 1.07 10.73
CA ILE A 214 -21.74 1.23 11.98
C ILE A 214 -20.83 1.06 13.20
N LEU A 215 -19.68 0.40 13.05
CA LEU A 215 -18.67 0.35 14.11
C LEU A 215 -17.69 1.51 14.08
N ALA A 216 -17.75 2.35 13.07
CA ALA A 216 -16.64 3.25 12.74
C ALA A 216 -16.72 4.57 13.50
N ASP A 217 -15.56 5.01 13.98
CA ASP A 217 -15.42 6.37 14.51
C ASP A 217 -15.16 7.39 13.42
N ILE A 218 -14.61 6.97 12.28
CA ILE A 218 -14.41 7.84 11.12
C ILE A 218 -14.79 7.08 9.87
N VAL A 219 -15.64 7.69 9.04
CA VAL A 219 -16.02 7.13 7.75
C VAL A 219 -15.54 8.10 6.67
N ILE A 220 -14.78 7.58 5.71
CA ILE A 220 -14.19 8.40 4.66
C ILE A 220 -14.63 7.82 3.34
N SER A 221 -15.46 8.56 2.61
CA SER A 221 -16.07 8.03 1.39
C SER A 221 -15.40 8.69 0.20
N ALA A 222 -14.77 7.86 -0.63
CA ALA A 222 -14.11 8.30 -1.85
C ALA A 222 -14.51 7.38 -3.00
N ALA A 223 -15.82 7.16 -3.14
CA ALA A 223 -16.34 6.25 -4.16
C ALA A 223 -16.97 6.96 -5.35
N GLY A 224 -17.54 8.15 -5.17
CA GLY A 224 -18.20 8.81 -6.27
C GLY A 224 -19.60 8.29 -6.53
N ILE A 225 -20.36 8.04 -5.46
CA ILE A 225 -21.72 7.53 -5.57
C ILE A 225 -22.60 8.36 -4.64
N PRO A 226 -23.56 9.12 -5.17
CA PRO A 226 -24.44 9.90 -4.31
C PRO A 226 -25.20 9.01 -3.32
N ASN A 227 -25.34 9.51 -2.10
CA ASN A 227 -26.07 8.84 -1.02
C ASN A 227 -25.53 7.44 -0.74
N LEU A 228 -24.22 7.25 -0.91
CA LEU A 228 -23.62 5.98 -0.50
C LEU A 228 -23.66 5.83 1.02
N ILE A 229 -23.51 6.94 1.74
CA ILE A 229 -23.43 6.94 3.20
C ILE A 229 -24.67 7.63 3.73
N THR A 230 -25.46 6.93 4.54
CA THR A 230 -26.70 7.44 5.10
C THR A 230 -26.67 7.27 6.61
N ALA A 231 -27.54 8.02 7.28
CA ALA A 231 -27.49 8.16 8.73
C ALA A 231 -27.57 6.81 9.44
N ASP A 232 -28.32 5.86 8.88
CA ASP A 232 -28.45 4.55 9.51
C ASP A 232 -27.12 3.78 9.51
N MET A 233 -26.22 4.10 8.58
CA MET A 233 -24.92 3.45 8.45
C MET A 233 -23.88 4.01 9.40
N ILE A 234 -24.16 5.13 10.05
CA ILE A 234 -23.19 5.87 10.83
C ILE A 234 -23.54 5.71 12.30
N LYS A 235 -22.53 5.56 13.14
CA LYS A 235 -22.84 5.51 14.56
C LYS A 235 -22.85 6.93 15.12
N GLU A 236 -23.63 7.11 16.19
CA GLU A 236 -23.81 8.39 16.84
C GLU A 236 -22.48 9.06 17.17
N GLY A 237 -22.27 10.27 16.65
CA GLY A 237 -21.09 11.04 16.98
C GLY A 237 -19.86 10.78 16.14
N ALA A 238 -19.96 9.98 15.09
CA ALA A 238 -18.80 9.68 14.25
C ALA A 238 -18.45 10.88 13.37
N ALA A 239 -17.22 10.85 12.84
CA ALA A 239 -16.73 11.85 11.91
C ALA A 239 -16.85 11.31 10.49
N VAL A 240 -17.49 12.08 9.61
CA VAL A 240 -17.75 11.64 8.24
C VAL A 240 -17.12 12.63 7.27
N ILE A 241 -16.18 12.14 6.46
CA ILE A 241 -15.39 12.96 5.56
C ILE A 241 -15.74 12.57 4.13
N ASP A 242 -16.27 13.52 3.37
CA ASP A 242 -16.87 13.25 2.09
C ASP A 242 -15.92 13.68 0.97
N VAL A 243 -15.25 12.70 0.36
CA VAL A 243 -14.31 12.98 -0.72
C VAL A 243 -14.99 13.02 -2.09
N GLY A 244 -16.14 12.38 -2.24
CA GLY A 244 -16.78 12.34 -3.55
C GLY A 244 -17.27 13.70 -4.01
N ILE A 245 -17.23 13.91 -5.33
CA ILE A 245 -17.82 15.07 -5.99
C ILE A 245 -18.66 14.51 -7.14
N ASN A 246 -19.98 14.49 -6.97
CA ASN A 246 -20.90 13.91 -7.95
C ASN A 246 -21.86 14.97 -8.49
N ARG A 247 -21.96 15.07 -9.81
CA ARG A 247 -22.92 15.96 -10.47
C ARG A 247 -24.27 15.27 -10.58
N VAL A 248 -25.27 15.79 -9.88
CA VAL A 248 -26.59 15.16 -9.83
C VAL A 248 -27.69 16.13 -10.25
N LYS A 257 -26.14 20.59 -9.99
CA LYS A 257 -25.93 20.44 -8.55
C LYS A 257 -24.79 19.47 -8.22
N LEU A 258 -23.92 19.86 -7.29
CA LEU A 258 -22.82 19.01 -6.81
C LEU A 258 -23.14 18.49 -5.43
N VAL A 259 -23.01 17.18 -5.25
CA VAL A 259 -23.15 16.54 -3.95
C VAL A 259 -21.95 15.63 -3.73
N GLY A 260 -21.77 15.20 -2.48
CA GLY A 260 -20.77 14.21 -2.14
C GLY A 260 -21.35 12.81 -2.17
N ASP A 261 -20.57 11.86 -1.64
CA ASP A 261 -21.07 10.49 -1.48
C ASP A 261 -22.04 10.38 -0.33
N VAL A 262 -22.08 11.37 0.56
CA VAL A 262 -22.82 11.29 1.80
C VAL A 262 -24.15 11.99 1.64
N ASP A 263 -25.20 11.42 2.22
CA ASP A 263 -26.46 12.13 2.39
C ASP A 263 -26.22 13.24 3.41
N PHE A 264 -25.87 14.44 2.93
CA PHE A 264 -25.39 15.47 3.85
C PHE A 264 -26.41 15.76 4.93
N GLU A 265 -27.67 16.01 4.55
CA GLU A 265 -28.67 16.45 5.51
C GLU A 265 -29.00 15.35 6.52
N GLY A 266 -29.09 14.09 6.08
CA GLY A 266 -29.44 13.02 7.01
C GLY A 266 -28.33 12.71 8.00
N VAL A 267 -27.11 12.55 7.50
CA VAL A 267 -25.97 12.16 8.35
C VAL A 267 -25.61 13.29 9.32
N ARG A 268 -25.83 14.53 8.89
CA ARG A 268 -25.75 15.77 9.68
C ARG A 268 -26.43 15.67 11.04
N GLN A 269 -27.47 14.84 11.11
CA GLN A 269 -28.24 14.66 12.33
C GLN A 269 -27.66 13.61 13.28
N LYS A 270 -26.79 12.73 12.78
CA LYS A 270 -26.24 11.71 13.67
C LYS A 270 -24.74 11.82 13.84
N ALA A 271 -24.02 12.27 12.82
CA ALA A 271 -22.57 12.42 12.93
C ALA A 271 -22.19 13.50 13.96
N GLY A 272 -21.01 13.35 14.55
CA GLY A 272 -20.43 14.43 15.32
C GLY A 272 -19.71 15.47 14.48
N TYR A 273 -19.12 15.04 13.36
CA TYR A 273 -18.42 15.92 12.42
C TYR A 273 -18.77 15.50 11.01
N ILE A 274 -18.73 16.46 10.09
CA ILE A 274 -19.08 16.17 8.72
C ILE A 274 -18.43 17.23 7.84
N THR A 275 -18.01 16.81 6.65
CA THR A 275 -17.52 17.79 5.70
C THR A 275 -18.55 17.97 4.59
N PRO A 276 -18.73 19.20 4.11
CA PRO A 276 -19.69 19.44 3.03
C PRO A 276 -19.07 19.25 1.66
N VAL A 277 -19.93 19.07 0.67
CA VAL A 277 -19.52 19.12 -0.73
C VAL A 277 -20.47 20.05 -1.49
N PRO A 278 -19.97 21.04 -2.23
CA PRO A 278 -18.54 21.39 -2.31
C PRO A 278 -18.03 22.10 -1.06
N GLY A 279 -16.79 22.60 -1.11
CA GLY A 279 -16.22 23.33 0.01
C GLY A 279 -15.68 22.47 1.13
N GLY A 280 -15.45 21.18 0.90
CA GLY A 280 -14.92 20.34 1.94
C GLY A 280 -13.51 19.85 1.67
N VAL A 281 -13.40 18.58 1.26
CA VAL A 281 -12.09 18.03 0.95
C VAL A 281 -11.47 18.73 -0.26
N GLY A 282 -12.27 19.13 -1.23
CA GLY A 282 -11.79 19.74 -2.46
C GLY A 282 -10.80 20.87 -2.22
N PRO A 283 -11.22 21.91 -1.48
CA PRO A 283 -10.27 23.01 -1.19
C PRO A 283 -9.03 22.53 -0.47
N MET A 284 -9.16 21.52 0.39
CA MET A 284 -8.00 20.99 1.09
C MET A 284 -7.01 20.34 0.13
N THR A 285 -7.50 19.68 -0.94
CA THR A 285 -6.60 19.14 -1.96
C THR A 285 -5.73 20.24 -2.53
N VAL A 286 -6.35 21.37 -2.88
CA VAL A 286 -5.59 22.45 -3.47
C VAL A 286 -4.58 23.02 -2.49
N ALA A 287 -4.97 23.17 -1.21
CA ALA A 287 -4.01 23.73 -0.25
C ALA A 287 -2.83 22.79 -0.02
N MET A 288 -3.07 21.47 0.04
CA MET A 288 -1.92 20.59 0.27
C MET A 288 -0.98 20.52 -0.93
N LEU A 289 -1.49 20.77 -2.15
CA LEU A 289 -0.60 20.88 -3.31
C LEU A 289 0.36 22.06 -3.16
N MET A 290 -0.16 23.20 -2.71
CA MET A 290 0.70 24.36 -2.44
C MET A 290 1.80 24.02 -1.42
N LYS A 291 1.43 23.30 -0.35
CA LYS A 291 2.43 22.81 0.61
C LYS A 291 3.49 21.97 -0.09
N ASN A 292 3.07 21.04 -0.98
CA ASN A 292 4.02 20.18 -1.68
C ASN A 292 4.93 20.99 -2.59
N THR A 293 4.39 22.02 -3.22
CA THR A 293 5.19 22.79 -4.18
C THR A 293 6.35 23.53 -3.48
N ILE A 294 6.10 24.15 -2.33
CA ILE A 294 7.20 24.82 -1.63
C ILE A 294 8.18 23.78 -1.07
N ILE A 295 7.68 22.61 -0.66
CA ILE A 295 8.56 21.51 -0.27
C ILE A 295 9.44 21.08 -1.45
N ALA A 296 8.86 20.99 -2.65
CA ALA A 296 9.65 20.62 -3.82
C ALA A 296 10.67 21.70 -4.17
N ALA A 297 10.27 22.97 -4.05
CA ALA A 297 11.19 24.07 -4.37
C ALA A 297 12.40 24.09 -3.44
N LYS A 298 12.22 23.67 -2.18
CA LYS A 298 13.33 23.64 -1.24
C LYS A 298 14.22 22.41 -1.36
N LYS A 299 13.87 21.45 -2.23
CA LYS A 299 14.63 20.21 -2.36
C LYS A 299 14.78 19.52 -1.01
N VAL A 300 13.67 19.45 -0.28
CA VAL A 300 13.64 18.88 1.07
C VAL A 300 14.00 17.40 1.05
N LEU A 301 13.45 16.63 0.12
CA LEU A 301 13.72 15.21 0.13
C LEU A 301 14.38 14.74 -1.17
N GLU B 5 -16.25 -30.05 11.87
CA GLU B 5 -14.85 -29.80 12.23
C GLU B 5 -14.07 -29.30 11.01
N ALA B 6 -13.02 -28.51 11.24
CA ALA B 6 -12.38 -27.75 10.18
C ALA B 6 -11.51 -28.63 9.27
N VAL B 7 -11.64 -28.45 7.96
CA VAL B 7 -10.61 -28.89 7.03
C VAL B 7 -9.28 -28.26 7.44
N VAL B 8 -8.25 -29.08 7.62
CA VAL B 8 -6.92 -28.59 7.94
C VAL B 8 -6.14 -28.52 6.63
N ILE B 9 -5.90 -27.30 6.15
CA ILE B 9 -5.18 -27.13 4.89
C ILE B 9 -3.72 -27.53 5.11
N SER B 10 -3.20 -28.34 4.20
CA SER B 10 -1.81 -28.76 4.28
C SER B 10 -0.97 -27.81 3.42
N GLY B 11 -0.19 -26.95 4.07
CA GLY B 11 0.76 -26.13 3.34
C GLY B 11 1.87 -26.95 2.71
N ARG B 12 2.21 -28.09 3.33
CA ARG B 12 3.21 -28.97 2.75
C ARG B 12 2.75 -29.54 1.42
N LYS B 13 1.51 -30.03 1.36
CA LYS B 13 1.01 -30.59 0.09
C LYS B 13 0.87 -29.51 -0.97
N LEU B 14 0.38 -28.32 -0.61
CA LEU B 14 0.25 -27.27 -1.61
C LEU B 14 1.61 -26.83 -2.13
N ALA B 15 2.61 -26.76 -1.25
CA ALA B 15 3.92 -26.30 -1.70
C ALA B 15 4.60 -27.35 -2.57
N GLN B 16 4.39 -28.62 -2.27
CA GLN B 16 4.84 -29.69 -3.14
C GLN B 16 4.33 -29.49 -4.56
N GLN B 17 3.04 -29.18 -4.71
CA GLN B 17 2.50 -28.91 -6.04
C GLN B 17 3.19 -27.71 -6.69
N ILE B 18 3.30 -26.61 -5.94
CA ILE B 18 3.94 -25.41 -6.50
C ILE B 18 5.38 -25.71 -6.91
N LYS B 19 6.11 -26.43 -6.05
CA LYS B 19 7.50 -26.74 -6.38
C LYS B 19 7.59 -27.66 -7.61
N GLN B 20 6.65 -28.58 -7.76
CA GLN B 20 6.67 -29.41 -8.96
C GLN B 20 6.39 -28.58 -10.20
N GLU B 21 5.47 -27.61 -10.11
CA GLU B 21 5.26 -26.70 -11.23
C GLU B 21 6.54 -25.96 -11.57
N VAL B 22 7.27 -25.49 -10.55
CA VAL B 22 8.51 -24.76 -10.80
C VAL B 22 9.58 -25.66 -11.42
N ARG B 23 9.74 -26.89 -10.90
CA ARG B 23 10.71 -27.80 -11.49
C ARG B 23 10.44 -28.03 -12.98
N GLN B 24 9.16 -28.20 -13.33
CA GLN B 24 8.77 -28.34 -14.74
C GLN B 24 9.11 -27.09 -15.53
N GLU B 25 8.76 -25.92 -14.98
CA GLU B 25 9.06 -24.67 -15.68
C GLU B 25 10.56 -24.48 -15.85
N VAL B 26 11.34 -24.79 -14.81
CA VAL B 26 12.79 -24.63 -14.91
C VAL B 26 13.39 -25.61 -15.91
N GLU B 27 12.90 -26.85 -15.92
CA GLU B 27 13.46 -27.83 -16.84
C GLU B 27 13.13 -27.49 -18.29
N GLU B 28 11.90 -27.04 -18.58
CA GLU B 28 11.58 -26.60 -19.94
C GLU B 28 12.49 -25.43 -20.34
N TRP B 29 12.69 -24.50 -19.41
CA TRP B 29 13.57 -23.36 -19.62
C TRP B 29 15.00 -23.81 -19.94
N VAL B 30 15.55 -24.72 -19.13
CA VAL B 30 16.91 -25.18 -19.37
C VAL B 30 16.96 -26.02 -20.65
N ALA B 31 15.93 -26.83 -20.88
CA ALA B 31 15.91 -27.67 -22.08
C ALA B 31 15.97 -26.84 -23.34
N SER B 32 15.44 -25.61 -23.30
CA SER B 32 15.43 -24.72 -24.44
C SER B 32 16.74 -23.99 -24.63
N GLY B 33 17.77 -24.32 -23.87
CA GLY B 33 19.08 -23.73 -24.05
C GLY B 33 19.42 -22.56 -23.16
N ASN B 34 18.56 -22.19 -22.22
CA ASN B 34 18.89 -21.06 -21.34
C ASN B 34 19.72 -21.53 -20.15
N LYS B 35 20.42 -20.57 -19.55
CA LYS B 35 21.20 -20.82 -18.35
C LYS B 35 20.32 -21.32 -17.21
N ARG B 36 20.84 -22.27 -16.44
CA ARG B 36 20.10 -22.73 -15.28
C ARG B 36 20.00 -21.59 -14.26
N PRO B 37 18.84 -21.38 -13.64
CA PRO B 37 18.70 -20.28 -12.69
C PRO B 37 19.61 -20.46 -11.48
N HIS B 38 20.02 -19.33 -10.90
CA HIS B 38 20.91 -19.34 -9.75
C HIS B 38 20.41 -18.33 -8.73
N LEU B 39 20.21 -18.79 -7.50
CA LEU B 39 19.76 -17.95 -6.40
C LEU B 39 20.88 -17.76 -5.38
N SER B 40 21.17 -16.51 -5.02
CA SER B 40 22.14 -16.21 -3.98
C SER B 40 21.42 -15.68 -2.75
N VAL B 41 21.69 -16.28 -1.60
CA VAL B 41 21.15 -15.84 -0.31
C VAL B 41 22.31 -15.37 0.55
N ILE B 42 22.21 -14.15 1.07
CA ILE B 42 23.14 -13.64 2.06
C ILE B 42 22.52 -13.78 3.43
N LEU B 43 23.25 -14.39 4.35
CA LEU B 43 22.79 -14.68 5.69
C LEU B 43 23.79 -14.08 6.67
N VAL B 44 23.32 -13.21 7.57
CA VAL B 44 24.16 -12.47 8.50
C VAL B 44 23.88 -12.96 9.91
N GLY B 45 24.92 -13.36 10.62
CA GLY B 45 24.74 -13.68 12.02
C GLY B 45 24.23 -15.10 12.25
N GLU B 46 23.73 -15.32 13.47
CA GLU B 46 23.49 -16.68 13.95
C GLU B 46 22.06 -16.88 14.46
N ASN B 47 21.10 -16.13 13.93
CA ASN B 47 19.70 -16.34 14.25
C ASN B 47 19.32 -17.78 13.87
N PRO B 48 19.03 -18.64 14.86
CA PRO B 48 18.78 -20.06 14.51
C PRO B 48 17.57 -20.24 13.62
N ALA B 49 16.53 -19.41 13.77
CA ALA B 49 15.39 -19.49 12.86
C ALA B 49 15.79 -19.11 11.44
N SER B 50 16.60 -18.04 11.30
CA SER B 50 17.05 -17.61 9.99
C SER B 50 17.81 -18.70 9.25
N HIS B 51 18.75 -19.35 9.94
CA HIS B 51 19.52 -20.42 9.29
C HIS B 51 18.61 -21.57 8.87
N SER B 52 17.67 -21.93 9.74
CA SER B 52 16.72 -22.98 9.40
C SER B 52 15.94 -22.60 8.15
N TYR B 53 15.41 -21.37 8.10
CA TYR B 53 14.59 -20.95 6.97
C TYR B 53 15.40 -20.86 5.69
N VAL B 54 16.65 -20.39 5.77
CA VAL B 54 17.52 -20.29 4.61
C VAL B 54 17.86 -21.69 4.08
N LEU B 55 18.11 -22.66 4.96
CA LEU B 55 18.38 -24.01 4.50
C LEU B 55 17.16 -24.61 3.79
N ASN B 56 15.97 -24.36 4.33
CA ASN B 56 14.75 -24.77 3.66
C ASN B 56 14.66 -24.18 2.25
N LYS B 57 15.06 -22.91 2.10
CA LYS B 57 15.04 -22.26 0.79
C LYS B 57 16.01 -22.93 -0.18
N THR B 58 17.25 -23.19 0.26
CA THR B 58 18.25 -23.74 -0.66
C THR B 58 17.99 -25.21 -0.95
N ARG B 59 17.44 -25.94 0.02
CA ARG B 59 16.99 -27.32 -0.26
C ARG B 59 15.90 -27.31 -1.33
N ALA B 60 14.94 -26.40 -1.23
CA ALA B 60 13.88 -26.35 -2.22
C ALA B 60 14.43 -25.95 -3.59
N ALA B 61 15.40 -25.02 -3.60
CA ALA B 61 16.05 -24.63 -4.86
C ALA B 61 16.67 -25.83 -5.56
N ALA B 62 17.46 -26.63 -4.84
CA ALA B 62 18.09 -27.80 -5.44
C ALA B 62 17.06 -28.74 -6.05
N VAL B 63 15.97 -28.98 -5.33
CA VAL B 63 14.96 -29.93 -5.78
C VAL B 63 14.27 -29.48 -7.06
N VAL B 64 14.15 -28.18 -7.30
CA VAL B 64 13.46 -27.70 -8.49
C VAL B 64 14.43 -27.35 -9.62
N GLY B 65 15.70 -27.70 -9.49
CA GLY B 65 16.65 -27.41 -10.54
C GLY B 65 17.24 -26.02 -10.55
N ILE B 66 17.16 -25.29 -9.44
CA ILE B 66 17.74 -23.96 -9.34
C ILE B 66 19.04 -24.06 -8.53
N ASN B 67 20.15 -23.62 -9.11
CA ASN B 67 21.40 -23.58 -8.39
C ASN B 67 21.34 -22.51 -7.29
N SER B 68 22.12 -22.71 -6.24
CA SER B 68 22.14 -21.69 -5.19
C SER B 68 23.47 -21.70 -4.44
N GLU B 69 23.72 -20.58 -3.75
CA GLU B 69 24.77 -20.49 -2.74
C GLU B 69 24.24 -19.66 -1.58
N THR B 70 24.56 -20.08 -0.36
CA THR B 70 24.33 -19.25 0.81
C THR B 70 25.66 -18.62 1.22
N ILE B 71 25.69 -17.29 1.29
CA ILE B 71 26.88 -16.57 1.72
C ILE B 71 26.64 -16.09 3.13
N MET B 72 27.29 -16.73 4.10
CA MET B 72 27.12 -16.41 5.51
C MET B 72 28.22 -15.45 5.94
N LYS B 73 27.82 -14.40 6.66
CA LYS B 73 28.70 -13.37 7.17
C LYS B 73 28.46 -13.22 8.66
N PRO B 74 29.49 -12.85 9.42
CA PRO B 74 29.28 -12.65 10.85
C PRO B 74 28.40 -11.43 11.11
N ALA B 75 27.72 -11.46 12.26
CA ALA B 75 26.88 -10.34 12.67
C ALA B 75 27.66 -9.06 12.87
N SER B 76 28.98 -9.16 13.08
CA SER B 76 29.86 -8.00 13.23
C SER B 76 30.15 -7.31 11.91
N ILE B 77 29.66 -7.84 10.78
CA ILE B 77 29.87 -7.18 9.50
C ILE B 77 29.32 -5.76 9.58
N SER B 78 29.98 -4.84 8.89
CA SER B 78 29.50 -3.47 8.81
C SER B 78 28.58 -3.31 7.60
N GLU B 79 27.82 -2.22 7.61
CA GLU B 79 26.88 -1.96 6.54
C GLU B 79 27.60 -1.75 5.21
N GLU B 80 28.74 -1.07 5.22
CA GLU B 80 29.51 -0.90 3.98
C GLU B 80 29.97 -2.23 3.42
N GLU B 81 30.31 -3.16 4.30
CA GLU B 81 30.83 -4.48 3.84
C GLU B 81 29.68 -5.26 3.19
N LEU B 82 28.50 -5.25 3.81
CA LEU B 82 27.33 -5.89 3.20
C LEU B 82 26.98 -5.24 1.87
N LEU B 83 27.04 -3.90 1.81
CA LEU B 83 26.76 -3.21 0.56
C LEU B 83 27.74 -3.61 -0.53
N ASN B 84 29.02 -3.78 -0.18
CA ASN B 84 29.99 -4.24 -1.17
C ASN B 84 29.62 -5.62 -1.71
N LEU B 85 29.25 -6.55 -0.83
CA LEU B 85 28.88 -7.89 -1.27
C LEU B 85 27.67 -7.85 -2.21
N ILE B 86 26.65 -7.06 -1.86
CA ILE B 86 25.45 -6.93 -2.69
C ILE B 86 25.82 -6.41 -4.07
N ASN B 87 26.69 -5.41 -4.14
CA ASN B 87 27.08 -4.83 -5.42
C ASN B 87 27.84 -5.84 -6.29
N LYS B 88 28.76 -6.61 -5.67
CA LYS B 88 29.46 -7.65 -6.43
C LYS B 88 28.46 -8.66 -7.01
N LEU B 89 27.48 -9.06 -6.20
CA LEU B 89 26.48 -10.04 -6.65
C LEU B 89 25.54 -9.45 -7.69
N ASN B 90 25.17 -8.17 -7.54
CA ASN B 90 24.36 -7.50 -8.56
C ASN B 90 25.02 -7.56 -9.94
N ASN B 91 26.36 -7.50 -9.97
CA ASN B 91 27.12 -7.44 -11.22
C ASN B 91 27.60 -8.81 -11.67
N ASP B 92 27.27 -9.86 -10.92
CA ASP B 92 27.56 -11.22 -11.32
C ASP B 92 26.43 -11.69 -12.21
N ASP B 93 26.69 -11.78 -13.52
CA ASP B 93 25.66 -12.18 -14.48
C ASP B 93 25.14 -13.59 -14.21
N ASN B 94 25.88 -14.42 -13.47
CA ASN B 94 25.36 -15.75 -13.18
C ASN B 94 24.24 -15.72 -12.15
N VAL B 95 24.15 -14.67 -11.35
CA VAL B 95 23.18 -14.60 -10.26
C VAL B 95 21.88 -14.03 -10.81
N ASP B 96 20.81 -14.82 -10.76
CA ASP B 96 19.50 -14.35 -11.20
C ASP B 96 18.69 -13.75 -10.07
N GLY B 97 18.73 -14.39 -8.91
CA GLY B 97 18.01 -13.93 -7.73
C GLY B 97 18.99 -13.65 -6.61
N LEU B 98 18.74 -12.59 -5.86
CA LEU B 98 19.57 -12.21 -4.72
C LEU B 98 18.66 -11.75 -3.59
N LEU B 99 18.87 -12.30 -2.40
CA LEU B 99 18.07 -11.89 -1.25
C LEU B 99 18.93 -11.89 -0.01
N VAL B 100 18.64 -10.95 0.88
CA VAL B 100 19.32 -10.82 2.16
C VAL B 100 18.33 -11.23 3.24
N GLN B 101 18.62 -12.35 3.93
CA GLN B 101 17.70 -12.84 4.95
C GLN B 101 17.62 -11.84 6.10
N LEU B 102 16.39 -11.59 6.59
CA LEU B 102 16.12 -10.68 7.69
C LEU B 102 15.70 -11.48 8.92
N PRO B 103 15.88 -10.94 10.14
CA PRO B 103 16.38 -9.60 10.49
C PRO B 103 17.89 -9.47 10.39
N LEU B 104 18.36 -8.26 10.17
CA LEU B 104 19.76 -7.86 10.20
C LEU B 104 20.13 -7.30 11.56
N PRO B 105 21.43 -7.22 11.89
CA PRO B 105 21.83 -6.61 13.16
C PRO B 105 21.43 -5.14 13.23
N GLU B 106 21.27 -4.66 14.47
CA GLU B 106 20.69 -3.33 14.71
C GLU B 106 21.48 -2.22 14.04
N HIS B 107 22.79 -2.38 13.90
CA HIS B 107 23.61 -1.32 13.33
C HIS B 107 23.54 -1.24 11.82
N ILE B 108 22.76 -2.10 11.17
CA ILE B 108 22.60 -2.09 9.72
C ILE B 108 21.16 -1.69 9.41
N ASP B 109 21.00 -0.72 8.51
CA ASP B 109 19.67 -0.24 8.11
C ASP B 109 19.08 -1.20 7.08
N GLU B 110 18.04 -1.95 7.46
CA GLU B 110 17.48 -2.96 6.57
C GLU B 110 16.92 -2.34 5.29
N ARG B 111 16.32 -1.15 5.38
CA ARG B 111 15.77 -0.52 4.19
C ARG B 111 16.88 -0.14 3.20
N ARG B 112 18.02 0.36 3.69
CA ARG B 112 19.12 0.64 2.77
C ARG B 112 19.64 -0.64 2.12
N ILE B 113 19.70 -1.73 2.88
CA ILE B 113 20.13 -3.00 2.30
C ILE B 113 19.14 -3.50 1.25
N CYS B 114 17.84 -3.50 1.57
CA CYS B 114 16.86 -4.03 0.63
C CYS B 114 16.85 -3.23 -0.68
N ASN B 115 17.10 -1.93 -0.61
CA ASN B 115 17.14 -1.11 -1.83
C ASN B 115 18.45 -1.26 -2.60
N ALA B 116 19.49 -1.80 -1.96
CA ALA B 116 20.74 -2.04 -2.67
C ALA B 116 20.68 -3.25 -3.60
N VAL B 117 19.75 -4.19 -3.37
CA VAL B 117 19.60 -5.31 -4.29
C VAL B 117 19.01 -4.81 -5.59
N SER B 118 19.62 -5.21 -6.70
CA SER B 118 19.11 -4.79 -7.99
C SER B 118 17.64 -5.22 -8.12
N PRO B 119 16.74 -4.31 -8.52
CA PRO B 119 15.31 -4.68 -8.55
C PRO B 119 15.01 -5.88 -9.41
N ASP B 120 15.82 -6.14 -10.46
CA ASP B 120 15.59 -7.31 -11.30
C ASP B 120 16.00 -8.62 -10.64
N LYS B 121 16.83 -8.56 -9.59
CA LYS B 121 17.23 -9.74 -8.83
C LYS B 121 16.50 -9.85 -7.50
N ASP B 122 15.59 -8.91 -7.21
CA ASP B 122 14.93 -8.75 -5.91
C ASP B 122 13.77 -9.74 -5.79
N VAL B 123 14.13 -11.02 -5.63
CA VAL B 123 13.10 -12.06 -5.52
C VAL B 123 12.26 -11.89 -4.25
N ASP B 124 12.73 -11.10 -3.27
CA ASP B 124 11.91 -10.79 -2.11
C ASP B 124 10.79 -9.80 -2.41
N GLY B 125 10.91 -9.00 -3.47
CA GLY B 125 10.00 -7.88 -3.65
C GLY B 125 10.11 -6.83 -2.57
N PHE B 126 11.29 -6.65 -1.97
CA PHE B 126 11.47 -5.68 -0.89
C PHE B 126 12.03 -4.34 -1.37
N HIS B 127 12.54 -4.26 -2.59
CA HIS B 127 13.05 -3.00 -3.13
C HIS B 127 11.90 -2.01 -3.31
N VAL B 128 12.17 -0.74 -3.02
CA VAL B 128 11.10 0.26 -2.94
C VAL B 128 10.32 0.34 -4.25
N ILE B 129 11.00 0.17 -5.39
CA ILE B 129 10.30 0.12 -6.68
C ILE B 129 9.35 -1.07 -6.73
N ASN B 130 9.77 -2.22 -6.21
CA ASN B 130 8.88 -3.38 -6.20
C ASN B 130 7.72 -3.16 -5.23
N VAL B 131 7.99 -2.54 -4.08
CA VAL B 131 6.91 -2.21 -3.15
C VAL B 131 5.91 -1.26 -3.80
N GLY B 132 6.42 -0.19 -4.41
CA GLY B 132 5.54 0.76 -5.09
C GLY B 132 4.72 0.11 -6.20
N ARG B 133 5.38 -0.67 -7.05
CA ARG B 133 4.67 -1.35 -8.14
C ARG B 133 3.58 -2.27 -7.59
N MET B 134 3.90 -3.03 -6.54
CA MET B 134 2.89 -3.88 -5.91
C MET B 134 1.70 -3.06 -5.41
N CYS B 135 1.98 -1.93 -4.76
CA CYS B 135 0.90 -1.15 -4.18
C CYS B 135 0.07 -0.46 -5.26
N LEU B 136 0.60 -0.36 -6.47
CA LEU B 136 -0.14 0.12 -7.63
C LEU B 136 -0.78 -1.02 -8.45
N ASP B 137 -0.79 -2.24 -7.93
CA ASP B 137 -1.34 -3.41 -8.65
C ASP B 137 -0.67 -3.63 -10.00
N GLN B 138 0.61 -3.28 -10.11
CA GLN B 138 1.35 -3.52 -11.34
C GLN B 138 2.12 -4.84 -11.25
N TYR B 139 2.45 -5.40 -12.43
CA TYR B 139 3.34 -6.56 -12.47
C TYR B 139 4.55 -6.31 -11.59
N SER B 140 4.78 -7.21 -10.64
CA SER B 140 5.89 -7.04 -9.72
C SER B 140 6.27 -8.41 -9.17
N MET B 141 7.46 -8.47 -8.60
CA MET B 141 7.90 -9.61 -7.81
C MET B 141 7.21 -9.53 -6.46
N LEU B 142 6.24 -10.42 -6.23
CA LEU B 142 5.47 -10.41 -4.99
C LEU B 142 6.29 -10.99 -3.85
N PRO B 143 6.21 -10.40 -2.65
CA PRO B 143 6.91 -10.98 -1.51
C PRO B 143 6.39 -12.40 -1.21
N ALA B 144 7.31 -13.29 -0.83
CA ALA B 144 6.98 -14.71 -0.81
C ALA B 144 5.90 -15.05 0.22
N THR B 145 6.03 -14.56 1.46
CA THR B 145 5.03 -14.95 2.45
C THR B 145 3.64 -14.44 2.10
N PRO B 146 3.44 -13.16 1.78
CA PRO B 146 2.10 -12.74 1.32
C PRO B 146 1.62 -13.50 0.11
N TRP B 147 2.48 -13.78 -0.87
CA TRP B 147 2.03 -14.55 -2.02
C TRP B 147 1.61 -15.96 -1.60
N GLY B 148 2.38 -16.61 -0.73
CA GLY B 148 1.97 -17.91 -0.22
C GLY B 148 0.61 -17.89 0.46
N VAL B 149 0.33 -16.83 1.22
CA VAL B 149 -0.99 -16.71 1.83
C VAL B 149 -2.06 -16.63 0.74
N TRP B 150 -1.82 -15.80 -0.27
CA TRP B 150 -2.73 -15.72 -1.40
C TRP B 150 -2.95 -17.09 -2.04
N GLU B 151 -1.87 -17.83 -2.31
CA GLU B 151 -1.99 -19.11 -3.00
C GLU B 151 -2.74 -20.13 -2.16
N ILE B 152 -2.51 -20.12 -0.84
CA ILE B 152 -3.24 -21.02 0.05
C ILE B 152 -4.74 -20.84 -0.13
N ILE B 153 -5.17 -19.58 -0.15
CA ILE B 153 -6.59 -19.26 -0.27
C ILE B 153 -7.13 -19.65 -1.64
N LYS B 154 -6.42 -19.23 -2.70
CA LYS B 154 -6.90 -19.50 -4.04
C LYS B 154 -6.92 -20.99 -4.35
N ARG B 155 -5.86 -21.71 -3.99
CA ARG B 155 -5.76 -23.11 -4.38
C ARG B 155 -6.69 -24.00 -3.56
N THR B 156 -7.06 -23.56 -2.35
CA THR B 156 -8.08 -24.25 -1.58
C THR B 156 -9.50 -23.94 -2.08
N GLY B 157 -9.65 -22.99 -3.01
CA GLY B 157 -10.96 -22.66 -3.53
C GLY B 157 -11.81 -21.76 -2.64
N ILE B 158 -11.21 -21.09 -1.68
CA ILE B 158 -11.92 -20.18 -0.77
C ILE B 158 -12.15 -18.85 -1.48
N PRO B 159 -13.40 -18.44 -1.71
CA PRO B 159 -13.65 -17.19 -2.42
C PRO B 159 -13.24 -15.96 -1.61
N THR B 160 -12.84 -14.91 -2.34
CA THR B 160 -12.49 -13.62 -1.75
C THR B 160 -13.35 -12.46 -2.21
N LEU B 161 -13.83 -12.47 -3.45
CA LEU B 161 -14.53 -11.31 -3.98
C LEU B 161 -15.77 -11.02 -3.16
N GLY B 162 -15.81 -9.82 -2.56
CA GLY B 162 -16.94 -9.41 -1.75
C GLY B 162 -16.98 -9.98 -0.36
N LYS B 163 -15.97 -10.74 0.04
CA LYS B 163 -15.96 -11.33 1.37
C LYS B 163 -15.21 -10.42 2.34
N ASN B 164 -15.49 -10.61 3.63
CA ASN B 164 -14.84 -9.86 4.69
C ASN B 164 -13.58 -10.59 5.13
N VAL B 165 -12.47 -9.86 5.16
CA VAL B 165 -11.15 -10.37 5.55
C VAL B 165 -10.59 -9.47 6.62
N VAL B 166 -10.12 -10.05 7.71
CA VAL B 166 -9.38 -9.32 8.74
C VAL B 166 -7.93 -9.79 8.71
N VAL B 167 -7.00 -8.84 8.64
CA VAL B 167 -5.58 -9.12 8.79
C VAL B 167 -5.15 -8.54 10.14
N ALA B 168 -4.49 -9.38 10.93
CA ALA B 168 -3.92 -8.97 12.21
C ALA B 168 -2.43 -8.78 11.99
N GLY B 169 -2.01 -7.52 11.90
CA GLY B 169 -0.62 -7.17 11.66
C GLY B 169 -0.54 -6.26 10.45
N ARG B 170 0.44 -5.36 10.48
CA ARG B 170 0.61 -4.38 9.41
C ARG B 170 2.06 -4.26 8.97
N SER B 171 2.88 -5.28 9.22
CA SER B 171 4.30 -5.13 8.89
C SER B 171 4.46 -4.98 7.39
N LYS B 172 5.52 -4.27 6.99
CA LYS B 172 5.68 -3.93 5.59
C LYS B 172 6.01 -5.15 4.73
N ASN B 173 6.62 -6.19 5.31
CA ASN B 173 6.98 -7.37 4.52
C ASN B 173 5.92 -8.47 4.56
N VAL B 174 5.02 -8.47 5.53
CA VAL B 174 4.02 -9.53 5.62
C VAL B 174 2.60 -8.98 5.66
N GLY B 175 2.25 -8.28 6.76
CA GLY B 175 0.86 -7.92 6.98
C GLY B 175 0.30 -6.97 5.94
N MET B 176 1.06 -5.90 5.63
CA MET B 176 0.59 -4.92 4.65
C MET B 176 0.44 -5.52 3.25
N PRO B 177 1.42 -6.24 2.68
CA PRO B 177 1.20 -6.84 1.35
C PRO B 177 0.05 -7.82 1.30
N ILE B 178 -0.21 -8.54 2.39
CA ILE B 178 -1.38 -9.43 2.43
C ILE B 178 -2.67 -8.63 2.25
N ALA B 179 -2.81 -7.55 3.03
CA ALA B 179 -3.99 -6.69 2.91
C ALA B 179 -4.09 -6.09 1.51
N MET B 180 -2.94 -5.69 0.94
CA MET B 180 -2.93 -5.17 -0.42
C MET B 180 -3.43 -6.20 -1.43
N LEU B 181 -2.89 -7.41 -1.40
CA LEU B 181 -3.28 -8.42 -2.41
C LEU B 181 -4.76 -8.77 -2.27
N LEU B 182 -5.25 -8.87 -1.05
CA LEU B 182 -6.64 -9.38 -0.86
C LEU B 182 -7.72 -8.35 -1.21
N HIS B 183 -7.47 -7.05 -1.00
CA HIS B 183 -8.55 -6.09 -1.25
C HIS B 183 -8.57 -5.53 -2.67
N THR B 184 -7.55 -5.79 -3.48
CA THR B 184 -7.42 -5.03 -4.72
C THR B 184 -8.13 -5.72 -5.89
N ASP B 185 -8.12 -5.03 -7.04
CA ASP B 185 -9.04 -5.31 -8.14
C ASP B 185 -8.59 -6.54 -8.90
N GLY B 186 -9.51 -7.50 -9.08
CA GLY B 186 -9.19 -8.71 -9.83
C GLY B 186 -8.82 -8.43 -11.26
N ALA B 187 -9.19 -7.27 -11.79
CA ALA B 187 -8.98 -6.95 -13.19
C ALA B 187 -7.73 -6.13 -13.46
N HIS B 188 -6.93 -5.79 -12.43
CA HIS B 188 -5.72 -5.00 -12.64
C HIS B 188 -4.58 -5.89 -13.11
N GLU B 189 -3.49 -5.25 -13.58
CA GLU B 189 -2.31 -5.97 -14.10
C GLU B 189 -1.93 -7.15 -13.24
N ARG B 190 -1.68 -6.90 -11.96
CA ARG B 190 -1.56 -7.97 -10.98
C ARG B 190 -2.90 -8.08 -10.27
N PRO B 191 -3.65 -9.16 -10.47
CA PRO B 191 -4.99 -9.27 -9.86
C PRO B 191 -4.93 -9.30 -8.35
N GLY B 192 -5.98 -8.79 -7.73
CA GLY B 192 -6.19 -8.91 -6.30
C GLY B 192 -7.45 -9.71 -6.00
N GLY B 193 -7.71 -9.87 -4.70
CA GLY B 193 -8.81 -10.68 -4.23
C GLY B 193 -10.17 -10.02 -4.14
N ASP B 194 -10.29 -8.70 -4.30
CA ASP B 194 -11.57 -7.99 -4.25
C ASP B 194 -12.32 -8.23 -2.94
N ALA B 195 -11.62 -8.47 -1.85
CA ALA B 195 -12.25 -8.60 -0.54
C ALA B 195 -12.40 -7.24 0.14
N THR B 196 -13.22 -7.23 1.18
CA THR B 196 -13.33 -6.12 2.12
C THR B 196 -12.38 -6.39 3.27
N VAL B 197 -11.27 -5.66 3.33
CA VAL B 197 -10.17 -6.00 4.21
C VAL B 197 -10.10 -5.00 5.35
N THR B 198 -10.10 -5.52 6.58
CA THR B 198 -9.80 -4.73 7.76
C THR B 198 -8.36 -4.99 8.20
N ILE B 199 -7.61 -3.92 8.41
CA ILE B 199 -6.25 -3.98 8.92
C ILE B 199 -6.28 -3.68 10.41
N SER B 200 -5.83 -4.62 11.22
CA SER B 200 -5.65 -4.43 12.66
C SER B 200 -4.19 -4.59 13.01
N HIS B 201 -3.82 -4.11 14.20
CA HIS B 201 -2.42 -4.02 14.57
C HIS B 201 -2.33 -3.81 16.08
N ARG B 202 -1.13 -3.48 16.55
CA ARG B 202 -0.85 -3.44 17.99
C ARG B 202 -1.70 -2.43 18.76
N TYR B 203 -2.31 -1.44 18.10
CA TYR B 203 -3.18 -0.50 18.80
C TYR B 203 -4.65 -0.79 18.58
N THR B 204 -4.97 -1.89 17.92
CA THR B 204 -6.37 -2.28 17.79
C THR B 204 -6.79 -2.94 19.10
N PRO B 205 -7.71 -2.34 19.86
CA PRO B 205 -8.11 -2.98 21.12
C PRO B 205 -8.70 -4.35 20.89
N LYS B 206 -8.46 -5.25 21.84
CA LYS B 206 -8.89 -6.63 21.71
C LYS B 206 -10.37 -6.73 21.34
N GLU B 207 -11.22 -5.95 22.02
CA GLU B 207 -12.66 -6.01 21.75
C GLU B 207 -12.98 -5.56 20.33
N GLN B 208 -12.25 -4.57 19.82
CA GLN B 208 -12.49 -4.12 18.44
C GLN B 208 -12.02 -5.17 17.42
N LEU B 209 -10.95 -5.90 17.74
CA LEU B 209 -10.54 -6.98 16.86
C LEU B 209 -11.64 -8.04 16.77
N LYS B 210 -12.23 -8.40 17.90
CA LYS B 210 -13.29 -9.40 17.89
C LYS B 210 -14.52 -8.91 17.13
N LYS B 211 -14.90 -7.63 17.32
CA LYS B 211 -16.06 -7.11 16.61
C LYS B 211 -15.87 -7.14 15.09
N HIS B 212 -14.63 -7.17 14.61
CA HIS B 212 -14.40 -7.28 13.17
C HIS B 212 -14.18 -8.73 12.72
N THR B 213 -13.53 -9.56 13.53
CA THR B 213 -13.29 -10.94 13.11
C THR B 213 -14.59 -11.73 13.03
N ILE B 214 -15.55 -11.45 13.92
CA ILE B 214 -16.82 -12.19 13.93
C ILE B 214 -17.58 -12.00 12.64
N LEU B 215 -17.31 -10.92 11.91
CA LEU B 215 -17.90 -10.72 10.59
C LEU B 215 -17.07 -11.32 9.48
N ALA B 216 -15.89 -11.87 9.77
CA ALA B 216 -14.90 -12.18 8.74
C ALA B 216 -15.14 -13.57 8.15
N ASP B 217 -15.18 -13.62 6.82
CA ASP B 217 -15.13 -14.90 6.13
C ASP B 217 -13.73 -15.50 6.16
N ILE B 218 -12.70 -14.65 6.30
CA ILE B 218 -11.30 -15.08 6.29
C ILE B 218 -10.54 -14.24 7.32
N VAL B 219 -9.91 -14.89 8.28
CA VAL B 219 -9.06 -14.22 9.26
C VAL B 219 -7.63 -14.67 9.03
N ILE B 220 -6.73 -13.70 8.86
CA ILE B 220 -5.33 -13.93 8.55
C ILE B 220 -4.52 -13.27 9.65
N SER B 221 -3.82 -14.08 10.44
CA SER B 221 -3.14 -13.55 11.62
C SER B 221 -1.63 -13.57 11.40
N ALA B 222 -1.02 -12.37 11.42
CA ALA B 222 0.39 -12.21 11.14
C ALA B 222 1.01 -11.29 12.18
N ALA B 223 0.71 -11.57 13.46
CA ALA B 223 1.08 -10.68 14.55
C ALA B 223 2.21 -11.22 15.41
N GLY B 224 2.40 -12.54 15.46
CA GLY B 224 3.39 -13.12 16.34
C GLY B 224 2.98 -13.15 17.80
N ILE B 225 1.72 -13.46 18.07
CA ILE B 225 1.16 -13.48 19.42
C ILE B 225 0.37 -14.79 19.60
N PRO B 226 0.80 -15.68 20.49
CA PRO B 226 0.06 -16.95 20.67
C PRO B 226 -1.38 -16.70 21.14
N ASN B 227 -2.30 -17.49 20.60
CA ASN B 227 -3.72 -17.49 21.00
C ASN B 227 -4.40 -16.13 20.78
N LEU B 228 -3.87 -15.30 19.88
CA LEU B 228 -4.56 -14.06 19.54
C LEU B 228 -5.93 -14.34 18.94
N ILE B 229 -6.06 -15.44 18.21
CA ILE B 229 -7.31 -15.81 17.55
C ILE B 229 -7.90 -17.01 18.28
N THR B 230 -9.06 -16.83 18.89
CA THR B 230 -9.75 -17.90 19.59
C THR B 230 -11.16 -18.04 19.03
N ALA B 231 -11.78 -19.19 19.32
CA ALA B 231 -12.99 -19.59 18.62
C ALA B 231 -14.12 -18.58 18.77
N ASP B 232 -14.21 -17.90 19.91
CA ASP B 232 -15.25 -16.89 20.10
C ASP B 232 -15.12 -15.71 19.14
N MET B 233 -13.96 -15.54 18.50
CA MET B 233 -13.78 -14.44 17.57
C MET B 233 -14.10 -14.81 16.13
N ILE B 234 -14.33 -16.09 15.83
CA ILE B 234 -14.40 -16.59 14.46
C ILE B 234 -15.84 -16.88 14.08
N LYS B 235 -16.25 -16.42 12.91
CA LYS B 235 -17.53 -16.82 12.34
C LYS B 235 -17.51 -18.30 12.00
N GLU B 236 -18.57 -19.02 12.35
CA GLU B 236 -18.66 -20.42 12.00
C GLU B 236 -18.52 -20.60 10.49
N GLY B 237 -17.63 -21.50 10.08
CA GLY B 237 -17.36 -21.74 8.68
C GLY B 237 -16.28 -20.89 8.07
N ALA B 238 -15.72 -19.93 8.82
CA ALA B 238 -14.71 -19.04 8.26
C ALA B 238 -13.42 -19.79 7.96
N ALA B 239 -12.61 -19.20 7.09
CA ALA B 239 -11.25 -19.67 6.83
C ALA B 239 -10.28 -18.89 7.71
N VAL B 240 -9.40 -19.60 8.39
CA VAL B 240 -8.42 -18.98 9.29
C VAL B 240 -7.03 -19.38 8.84
N ILE B 241 -6.22 -18.38 8.47
CA ILE B 241 -4.87 -18.59 7.96
C ILE B 241 -3.90 -18.04 8.99
N ASP B 242 -3.02 -18.90 9.50
CA ASP B 242 -2.16 -18.58 10.63
C ASP B 242 -0.72 -18.34 10.15
N VAL B 243 -0.30 -17.08 10.12
CA VAL B 243 1.03 -16.74 9.63
C VAL B 243 2.08 -16.72 10.75
N GLY B 244 1.68 -16.49 11.99
CA GLY B 244 2.65 -16.39 13.06
C GLY B 244 3.37 -17.71 13.32
N ILE B 245 4.60 -17.58 13.83
CA ILE B 245 5.41 -18.72 14.28
C ILE B 245 5.97 -18.34 15.63
N ASN B 246 5.40 -18.91 16.71
CA ASN B 246 5.72 -18.51 18.06
C ASN B 246 6.26 -19.68 18.86
N ARG B 247 7.31 -19.42 19.65
CA ARG B 247 7.90 -20.43 20.51
C ARG B 247 7.23 -20.37 21.89
N VAL B 248 6.46 -21.41 22.20
CA VAL B 248 5.81 -21.49 23.52
C VAL B 248 6.17 -22.83 24.15
N HIS B 249 5.70 -23.04 25.37
CA HIS B 249 5.99 -24.29 26.09
C HIS B 249 4.72 -24.84 26.73
N LYS B 257 8.21 -25.72 21.93
CA LYS B 257 7.12 -26.03 21.00
C LYS B 257 6.77 -24.82 20.13
N LEU B 258 6.35 -25.07 18.89
CA LEU B 258 5.98 -23.99 17.98
C LEU B 258 4.46 -23.96 17.79
N VAL B 259 3.90 -22.76 17.87
CA VAL B 259 2.49 -22.52 17.59
C VAL B 259 2.36 -21.23 16.80
N GLY B 260 1.24 -21.09 16.10
CA GLY B 260 0.92 -19.88 15.38
C GLY B 260 0.31 -18.83 16.29
N ASP B 261 -0.42 -17.89 15.67
CA ASP B 261 -1.18 -16.93 16.45
C ASP B 261 -2.54 -17.49 16.88
N VAL B 262 -2.96 -18.61 16.30
CA VAL B 262 -4.31 -19.15 16.46
C VAL B 262 -4.30 -20.22 17.53
N ASP B 263 -5.34 -20.24 18.37
CA ASP B 263 -5.61 -21.39 19.22
C ASP B 263 -6.11 -22.51 18.32
N PHE B 264 -5.20 -23.38 17.89
CA PHE B 264 -5.50 -24.31 16.80
C PHE B 264 -6.63 -25.26 17.19
N GLU B 265 -6.52 -25.90 18.37
CA GLU B 265 -7.50 -26.93 18.70
C GLU B 265 -8.89 -26.34 18.92
N GLY B 266 -8.97 -25.18 19.59
CA GLY B 266 -10.26 -24.53 19.76
C GLY B 266 -10.86 -24.05 18.45
N VAL B 267 -10.09 -23.31 17.65
CA VAL B 267 -10.62 -22.73 16.41
C VAL B 267 -10.93 -23.82 15.40
N ARG B 268 -10.22 -24.95 15.48
CA ARG B 268 -10.51 -26.09 14.62
C ARG B 268 -11.97 -26.51 14.71
N GLN B 269 -12.59 -26.30 15.87
CA GLN B 269 -13.98 -26.73 16.07
C GLN B 269 -14.99 -25.81 15.40
N LYS B 270 -14.68 -24.52 15.23
CA LYS B 270 -15.64 -23.59 14.65
C LYS B 270 -15.36 -23.19 13.21
N ALA B 271 -14.09 -23.12 12.80
CA ALA B 271 -13.76 -22.69 11.45
C ALA B 271 -14.13 -23.76 10.43
N GLY B 272 -14.34 -23.32 9.20
CA GLY B 272 -14.46 -24.25 8.09
C GLY B 272 -13.13 -24.71 7.55
N TYR B 273 -12.10 -23.87 7.64
CA TYR B 273 -10.75 -24.15 7.19
C TYR B 273 -9.77 -23.55 8.19
N ILE B 274 -8.60 -24.17 8.32
CA ILE B 274 -7.57 -23.65 9.21
C ILE B 274 -6.21 -24.16 8.73
N THR B 275 -5.17 -23.31 8.85
CA THR B 275 -3.83 -23.81 8.55
C THR B 275 -3.10 -24.16 9.83
N PRO B 276 -2.31 -25.21 9.80
CA PRO B 276 -1.52 -25.59 10.98
C PRO B 276 -0.19 -24.86 11.02
N VAL B 277 0.40 -24.83 12.22
CA VAL B 277 1.74 -24.30 12.42
C VAL B 277 2.52 -25.31 13.23
N PRO B 278 3.66 -25.85 12.73
CA PRO B 278 4.24 -25.66 11.39
C PRO B 278 3.47 -26.36 10.27
N GLY B 279 4.06 -26.38 9.06
CA GLY B 279 3.45 -27.06 7.95
C GLY B 279 2.35 -26.30 7.26
N GLY B 280 2.12 -25.04 7.62
CA GLY B 280 1.08 -24.26 6.97
C GLY B 280 1.63 -23.22 6.02
N VAL B 281 1.69 -21.97 6.49
CA VAL B 281 2.15 -20.86 5.65
C VAL B 281 3.64 -21.00 5.34
N GLY B 282 4.43 -21.47 6.30
CA GLY B 282 5.87 -21.59 6.18
C GLY B 282 6.36 -22.25 4.90
N PRO B 283 5.90 -23.48 4.63
CA PRO B 283 6.31 -24.14 3.38
C PRO B 283 5.87 -23.39 2.14
N MET B 284 4.77 -22.65 2.22
CA MET B 284 4.33 -21.87 1.08
C MET B 284 5.27 -20.70 0.81
N THR B 285 5.79 -20.08 1.87
CA THR B 285 6.80 -19.03 1.70
C THR B 285 7.96 -19.52 0.84
N VAL B 286 8.50 -20.69 1.19
CA VAL B 286 9.64 -21.24 0.47
C VAL B 286 9.28 -21.54 -0.97
N ALA B 287 8.09 -22.11 -1.20
CA ALA B 287 7.68 -22.45 -2.56
C ALA B 287 7.52 -21.21 -3.42
N MET B 288 6.91 -20.14 -2.90
CA MET B 288 6.70 -18.93 -3.72
C MET B 288 8.03 -18.25 -4.07
N LEU B 289 9.04 -18.35 -3.20
CA LEU B 289 10.37 -17.88 -3.56
C LEU B 289 10.91 -18.62 -4.80
N MET B 290 10.62 -19.92 -4.91
CA MET B 290 11.01 -20.67 -6.11
C MET B 290 10.33 -20.11 -7.35
N LYS B 291 9.02 -19.81 -7.25
CA LYS B 291 8.32 -19.13 -8.34
C LYS B 291 9.02 -17.82 -8.73
N ASN B 292 9.38 -17.00 -7.74
CA ASN B 292 10.00 -15.72 -8.04
C ASN B 292 11.39 -15.88 -8.65
N THR B 293 12.12 -16.92 -8.28
CA THR B 293 13.47 -17.09 -8.80
C THR B 293 13.46 -17.44 -10.28
N ILE B 294 12.53 -18.32 -10.71
CA ILE B 294 12.44 -18.60 -12.14
C ILE B 294 11.91 -17.36 -12.89
N ILE B 295 10.98 -16.61 -12.28
CA ILE B 295 10.53 -15.35 -12.87
C ILE B 295 11.72 -14.42 -13.11
N ALA B 296 12.60 -14.28 -12.12
CA ALA B 296 13.76 -13.41 -12.26
C ALA B 296 14.73 -13.92 -13.33
N ALA B 297 14.95 -15.23 -13.39
CA ALA B 297 15.86 -15.76 -14.40
C ALA B 297 15.33 -15.49 -15.81
N LYS B 298 14.01 -15.58 -15.99
CA LYS B 298 13.42 -15.31 -17.30
C LYS B 298 13.44 -13.85 -17.67
N LYS B 299 13.65 -12.95 -16.70
CA LYS B 299 13.74 -11.50 -16.96
C LYS B 299 12.48 -10.99 -17.66
N VAL B 300 11.30 -11.48 -17.25
CA VAL B 300 10.05 -11.03 -17.85
C VAL B 300 9.55 -9.70 -17.31
N LEU B 301 10.11 -9.21 -16.21
CA LEU B 301 9.64 -7.96 -15.61
C LEU B 301 10.32 -6.73 -16.22
C10 A1L24 C . -9.53 17.93 -7.02
C13 A1L24 C . -8.88 19.14 -6.87
C15 A1L24 C . -10.99 20.16 -6.44
C17 A1L24 C . -10.89 17.82 -6.86
C21 A1L24 C . -13.88 22.33 -5.08
C22 A1L24 C . -14.80 21.82 -3.99
C26 A1L24 C . -15.77 22.03 -6.72
C02 A1L24 C . -3.59 15.08 -10.47
C04 A1L24 C . -5.85 14.85 -10.33
C05 A1L24 C . -5.79 15.26 -9.00
C06 A1L24 C . -4.58 15.58 -8.44
C08 A1L24 C . -7.60 16.67 -8.11
C14 A1L24 C . -9.62 20.27 -6.58
C16 A1L24 C . -11.65 18.93 -6.57
C18 A1L24 C . -11.80 21.40 -6.10
C23 A1L24 C . -14.63 22.93 -6.27
C27 A1L24 C . -16.21 22.34 -8.15
N01 A1L24 C . -3.50 15.49 -9.21
N03 A1L24 C . -4.74 14.77 -11.05
N07 A1L24 C . -6.98 15.36 -8.19
N09 A1L24 C . -8.78 16.73 -7.30
N11 A1L24 C . -7.14 14.52 -10.89
N20 A1L24 C . -13.09 21.17 -5.48
N28 A1L24 C . -15.60 21.92 -9.29
N29 A1L24 C . -16.30 22.40 -10.35
N30 A1L24 C . -17.32 23.07 -9.88
N31 A1L24 C . -17.31 23.06 -8.53
N34 A1L24 C . -2.38 15.01 -11.27
O12 A1L24 C . -7.17 17.62 -8.70
O19 A1L24 C . -11.38 22.50 -6.30
O24 A1L24 C . -15.52 22.62 -3.33
O25 A1L24 C . -14.81 20.59 -3.71
O33 A1L24 C . -4.51 15.92 -7.30
CL32 A1L24 C . -11.66 16.23 -7.07
PA NAD D . -12.22 6.06 -9.11
O1A NAD D . -13.40 5.96 -10.00
O2A NAD D . -10.84 5.73 -9.59
O5B NAD D . -12.47 5.15 -7.78
C5B NAD D . -13.75 4.87 -7.31
C4B NAD D . -13.56 3.92 -6.13
O4B NAD D . -14.81 3.72 -5.47
C3B NAD D . -13.07 2.53 -6.55
O3B NAD D . -12.08 2.13 -5.63
C2B NAD D . -14.34 1.67 -6.38
O2B NAD D . -14.02 0.32 -6.19
C1B NAD D . -15.00 2.37 -5.19
N9A NAD D . -16.41 2.05 -5.09
C8A NAD D . -17.30 2.01 -6.13
N7A NAD D . -18.50 1.66 -5.73
C5A NAD D . -18.41 1.46 -4.38
C6A NAD D . -19.31 1.07 -3.36
N6A NAD D . -20.60 0.82 -3.57
N1A NAD D . -18.85 0.96 -2.10
C2A NAD D . -17.56 1.22 -1.88
N3A NAD D . -16.64 1.59 -2.76
C4A NAD D . -17.10 1.69 -3.99
O3 NAD D . -12.30 7.57 -8.44
PN NAD D . -11.33 8.28 -7.31
O1N NAD D . -10.22 9.01 -8.02
O2N NAD D . -11.02 7.43 -6.12
O5D NAD D . -12.42 9.40 -6.81
C5D NAD D . -13.71 9.00 -6.39
C4D NAD D . -14.49 10.23 -6.02
O4D NAD D . -13.60 11.09 -5.29
C3D NAD D . -15.00 11.09 -7.20
O3D NAD D . -16.21 11.70 -6.79
C2D NAD D . -13.88 12.14 -7.36
O2D NAD D . -14.21 13.34 -8.00
C1D NAD D . -13.59 12.35 -5.88
N1N NAD D . -12.33 13.06 -5.57
C2N NAD D . -12.40 14.13 -4.81
C3N NAD D . -11.29 14.84 -4.45
C7N NAD D . -11.45 16.06 -3.58
O7N NAD D . -12.59 16.30 -3.14
N7N NAD D . -10.35 16.77 -3.37
C4N NAD D . -10.04 14.43 -4.94
C5N NAD D . -9.99 13.30 -5.74
C6N NAD D . -11.14 12.62 -6.05
P PO4 E . -11.19 0.14 -8.69
O1 PO4 E . -10.13 -0.93 -9.12
O2 PO4 E . -11.73 0.85 -9.97
O3 PO4 E . -12.36 -0.52 -7.90
O4 PO4 E . -10.45 1.19 -7.78
P PO4 F . 4.35 -1.97 13.61
O1 PO4 F . 5.55 -2.49 14.46
O2 PO4 F . 4.06 -2.90 12.38
O3 PO4 F . 3.04 -1.91 14.49
O4 PO4 F . 4.69 -0.51 13.12
C10 A1L24 G . 9.92 -17.94 6.68
C13 A1L24 G . 10.37 -18.78 5.67
C15 A1L24 G . 9.75 -20.65 7.02
C17 A1L24 G . 9.38 -18.47 7.83
C21 A1L24 G . 8.28 -24.00 8.33
C22 A1L24 G . 6.84 -24.02 8.81
C26 A1L24 G . 8.97 -23.90 10.76
C02 A1L24 G . 13.84 -12.24 3.81
C04 A1L24 G . 12.99 -13.11 5.75
C05 A1L24 G . 11.97 -13.67 5.04
C06 A1L24 G . 11.90 -13.49 3.67
C08 A1L24 G . 11.07 -15.86 5.82
C14 A1L24 G . 10.27 -20.14 5.84
C16 A1L24 G . 9.28 -19.83 8.02
C18 A1L24 G . 9.62 -22.15 7.20
C23 A1L24 G . 9.23 -24.53 9.39
C27 A1L24 G . 10.00 -24.42 11.76
N01 A1L24 G . 12.86 -12.75 3.10
N03 A1L24 G . 13.91 -12.39 5.12
N07 A1L24 G . 10.94 -14.43 5.73
N09 A1L24 G . 9.99 -16.51 6.51
N11 A1L24 G . 13.02 -13.31 7.18
N20 A1L24 G . 8.55 -22.59 8.08
N28 A1L24 G . 10.10 -25.70 12.21
N29 A1L24 G . 11.15 -25.75 13.07
N30 A1L24 G . 11.68 -24.55 13.15
N31 A1L24 G . 11.00 -23.69 12.35
N34 A1L24 G . 14.85 -11.45 3.13
O12 A1L24 G . 12.00 -16.41 5.35
O19 A1L24 G . 10.35 -22.90 6.63
O24 A1L24 G . 6.22 -25.10 8.78
O25 A1L24 G . 6.28 -22.97 9.22
O33 A1L24 G . 11.03 -13.98 3.03
CL32 A1L24 G . 8.83 -17.35 9.09
PA NAD H . 6.49 -7.52 13.18
O1A NAD H . 6.81 -7.58 14.64
O2A NAD H . 7.24 -6.66 12.23
O5B NAD H . 4.90 -7.20 12.97
C5B NAD H . 3.93 -7.87 13.74
C4B NAD H . 2.66 -7.10 13.53
O4B NAD H . 1.67 -7.51 14.50
C3B NAD H . 2.84 -5.59 13.71
O3B NAD H . 2.35 -5.01 12.54
C2B NAD H . 1.96 -5.27 14.94
O2B NAD H . 1.44 -3.97 14.92
C1B NAD H . 0.93 -6.40 14.89
N9A NAD H . 0.29 -6.60 16.18
C8A NAD H . 0.87 -6.53 17.42
N7A NAD H . 0.03 -6.74 18.39
C5A NAD H . -1.19 -6.95 17.79
C6A NAD H . -2.50 -7.22 18.24
N6A NAD H . -2.81 -7.34 19.53
N1A NAD H . -3.48 -7.36 17.34
C2A NAD H . -3.16 -7.24 16.05
N3A NAD H . -1.98 -7.00 15.51
C4A NAD H . -1.03 -6.85 16.42
O3 NAD H . 6.48 -9.09 12.69
PN NAD H . 6.52 -9.71 11.17
O1N NAD H . 7.92 -9.70 10.65
O2N NAD H . 5.39 -9.29 10.26
O5D NAD H . 6.19 -11.26 11.64
C5D NAD H . 5.05 -11.55 12.41
C4D NAD H . 4.86 -13.04 12.53
O4D NAD H . 4.78 -13.61 11.21
C3D NAD H . 6.02 -13.81 13.21
O3D NAD H . 5.43 -14.91 13.89
C2D NAD H . 6.85 -14.27 12.00
O2D NAD H . 7.73 -15.35 12.18
C1D NAD H . 5.65 -14.68 11.15
N1N NAD H . 6.03 -15.04 9.76
C2N NAD H . 5.70 -16.23 9.28
C3N NAD H . 6.01 -16.59 7.99
C7N NAD H . 5.65 -17.94 7.42
O7N NAD H . 4.83 -18.66 8.00
N7N NAD H . 6.25 -18.23 6.27
C4N NAD H . 6.72 -15.67 7.21
C5N NAD H . 7.06 -14.43 7.73
C6N NAD H . 6.70 -14.12 9.03
#